data_3EH1
#
_entry.id   3EH1
#
_cell.length_a   161.370
_cell.length_b   67.500
_cell.length_c   72.440
_cell.angle_alpha   90.00
_cell.angle_beta   100.37
_cell.angle_gamma   90.00
#
_symmetry.space_group_name_H-M   'C 1 2 1'
#
loop_
_entity.id
_entity.type
_entity.pdbx_description
1 polymer 'Protein transport protein Sec24B'
2 non-polymer 'ZINC ION'
3 water water
#
_entity_poly.entity_id   1
_entity_poly.type   'polypeptide(L)'
_entity_poly.pdbx_seq_one_letter_code
;QPESLRPVNLTQERNILPMTPVWAPVPNLNADLKKLNCSPDSFRCTLTNIPQTQALLNKAKLPLGLLLHPFRDLTQLPVI
TSNTIVRCRSCRTYINPFVSFIDQRRWKCNLCYRVNDVPEEFMYNPLTRSYGEPHKRPEVQNSTVEFIASSDYMLRPPQP
AVYLFVLDVSHNAVEAGYLTILCQSLLENLDKLPGDSRTRIGFMTFDSTIHFYNLQEGLSQPQMLIVSDIDDVFLPTPDS
LLVNLYESKELIKDLLNALPNMFTNTRETHSALGPALQAAFKLMSPTGGRVSVFQTQLPSLGAGLLQSREDPNQRSSTKV
VQHLGPATDFYKKLALDCSGQQTAVDLFLLSSQYSDLASLACMSKYSAGCIYYYPSFHYTHNPSQAEKLQKDLKRYLTRK
IGFEAVMRIRCTKGLSMHTFHGNFFVRSTDLLSLANINPDAGFAVQLSIEESLTDTSLVCFQTALLYTSSKGERRIRVHT
LCLPVVSSLADVYAGVDVQAAICLLANMAVDRSVSSSLSDARDALVNAVVDSLSAYGSTVSNLQHSALMAPSSLKLFPLY
VLALLKQKAFRTGTSTRLDDRVYAMCQIKSQPLVHLMKMIHPNLYRIDRLTDEGAVHVNDRIVPQPPLQKLSAEKLTREG
AFLMDCGSVFYIWVGKGCDNNFIEDVLGYTNFASIPQKMTHLPELDTLSSERARSFITWLRDSRPLSPILHIVKDESPAK
AEFFQHLIEDRTEAAFSYYEFLLHVQQQICK
;
_entity_poly.pdbx_strand_id   A
#
loop_
_chem_comp.id
_chem_comp.type
_chem_comp.name
_chem_comp.formula
ZN non-polymer 'ZINC ION' 'Zn 2'
#
# COMPACT_ATOMS: atom_id res chain seq x y z
N GLN A 1 -31.29 16.67 12.36
CA GLN A 1 -30.51 15.41 12.54
C GLN A 1 -29.90 15.00 11.21
N PRO A 2 -28.62 15.33 10.99
CA PRO A 2 -28.06 14.88 9.72
C PRO A 2 -28.14 13.37 9.72
N GLU A 3 -28.27 12.75 8.55
CA GLU A 3 -28.39 11.29 8.51
C GLU A 3 -27.18 10.54 9.04
N SER A 4 -26.00 11.16 8.95
CA SER A 4 -24.79 10.52 9.46
C SER A 4 -24.90 10.33 10.97
N LEU A 5 -25.87 11.01 11.58
CA LEU A 5 -26.07 10.91 13.03
C LEU A 5 -27.30 10.10 13.42
N ARG A 6 -28.02 9.59 12.44
CA ARG A 6 -29.20 8.78 12.71
C ARG A 6 -28.78 7.58 13.54
N PRO A 7 -29.42 7.37 14.70
CA PRO A 7 -29.08 6.26 15.57
C PRO A 7 -29.29 4.88 14.94
N VAL A 8 -28.39 3.96 15.27
CA VAL A 8 -28.48 2.61 14.77
C VAL A 8 -28.25 1.66 15.95
N ASN A 9 -29.21 0.78 16.17
CA ASN A 9 -29.15 -0.20 17.25
C ASN A 9 -28.35 -1.38 16.69
N LEU A 10 -27.05 -1.40 16.98
CA LEU A 10 -26.18 -2.46 16.49
C LEU A 10 -26.53 -3.82 17.09
N THR A 11 -27.08 -3.80 18.30
CA THR A 11 -27.46 -5.03 18.96
C THR A 11 -28.56 -5.76 18.21
N GLN A 12 -29.47 -5.01 17.60
CA GLN A 12 -30.59 -5.58 16.89
C GLN A 12 -30.45 -5.65 15.37
N GLU A 13 -29.86 -4.63 14.78
CA GLU A 13 -29.69 -4.56 13.33
C GLU A 13 -28.77 -5.62 12.75
N ARG A 14 -29.32 -6.48 11.91
CA ARG A 14 -28.54 -7.54 11.29
C ARG A 14 -28.13 -7.21 9.84
N ASN A 15 -28.56 -6.05 9.36
CA ASN A 15 -28.22 -5.62 8.01
C ASN A 15 -27.62 -4.23 8.02
N ILE A 16 -26.30 -4.16 8.21
CA ILE A 16 -25.62 -2.85 8.25
C ILE A 16 -24.62 -2.65 7.12
N LEU A 17 -24.00 -3.73 6.66
CA LEU A 17 -23.02 -3.63 5.58
C LEU A 17 -23.74 -3.29 4.27
N PRO A 18 -23.42 -2.12 3.67
CA PRO A 18 -24.06 -1.73 2.42
C PRO A 18 -23.78 -2.75 1.32
N MET A 19 -24.68 -2.83 0.33
CA MET A 19 -24.54 -3.78 -0.77
C MET A 19 -23.53 -3.28 -1.79
N THR A 20 -23.23 -1.98 -1.73
CA THR A 20 -22.27 -1.37 -2.65
C THR A 20 -21.12 -0.76 -1.83
N PRO A 21 -20.01 -0.41 -2.49
CA PRO A 21 -18.85 0.19 -1.80
C PRO A 21 -19.18 1.44 -1.01
N VAL A 22 -18.52 1.60 0.13
CA VAL A 22 -18.74 2.76 1.00
C VAL A 22 -18.04 3.99 0.44
N TRP A 23 -18.78 5.08 0.31
CA TRP A 23 -18.22 6.34 -0.20
C TRP A 23 -17.60 7.15 0.92
N ALA A 24 -16.56 7.91 0.60
CA ALA A 24 -15.91 8.76 1.59
C ALA A 24 -16.89 9.88 1.92
N PRO A 25 -16.95 10.30 3.19
CA PRO A 25 -17.88 11.38 3.56
C PRO A 25 -17.40 12.69 2.92
N VAL A 26 -18.32 13.41 2.27
CA VAL A 26 -17.97 14.67 1.64
C VAL A 26 -17.86 15.77 2.70
N PRO A 27 -16.70 16.43 2.80
CA PRO A 27 -16.57 17.49 3.80
C PRO A 27 -17.68 18.53 3.62
N ASN A 28 -18.36 18.85 4.72
CA ASN A 28 -19.48 19.79 4.71
C ASN A 28 -19.10 21.26 4.49
N LEU A 29 -18.71 21.59 3.27
CA LEU A 29 -18.34 22.96 2.89
C LEU A 29 -19.45 23.50 2.00
N ASN A 30 -19.43 24.80 1.70
CA ASN A 30 -20.47 25.35 0.83
C ASN A 30 -20.30 24.75 -0.55
N ALA A 31 -21.38 24.78 -1.35
CA ALA A 31 -21.38 24.21 -2.68
C ALA A 31 -20.15 24.56 -3.54
N ASP A 32 -19.79 25.83 -3.56
CA ASP A 32 -18.65 26.27 -4.35
C ASP A 32 -17.34 25.58 -3.96
N LEU A 33 -17.04 25.59 -2.66
CA LEU A 33 -15.81 24.97 -2.18
C LEU A 33 -15.83 23.45 -2.33
N LYS A 34 -17.00 22.82 -2.14
CA LYS A 34 -17.09 21.37 -2.28
C LYS A 34 -16.60 20.94 -3.65
N LYS A 35 -17.00 21.68 -4.67
CA LYS A 35 -16.59 21.36 -6.04
C LYS A 35 -15.09 21.49 -6.23
N LEU A 36 -14.45 22.30 -5.41
CA LEU A 36 -13.00 22.53 -5.50
C LEU A 36 -12.17 21.60 -4.62
N ASN A 37 -12.81 20.86 -3.73
CA ASN A 37 -12.07 20.01 -2.82
C ASN A 37 -11.29 18.83 -3.42
N CYS A 38 -10.27 18.41 -2.69
CA CYS A 38 -9.38 17.32 -3.09
C CYS A 38 -10.10 15.97 -3.22
N SER A 39 -9.63 15.14 -4.14
CA SER A 39 -10.22 13.83 -4.33
C SER A 39 -9.91 12.94 -3.13
N PRO A 40 -10.92 12.26 -2.57
CA PRO A 40 -10.68 11.38 -1.42
C PRO A 40 -9.79 10.19 -1.79
N ASP A 41 -9.62 9.94 -3.08
CA ASP A 41 -8.78 8.85 -3.52
C ASP A 41 -7.32 9.29 -3.43
N SER A 42 -7.09 10.59 -3.29
CA SER A 42 -5.73 11.11 -3.18
C SER A 42 -5.37 11.58 -1.79
N PHE A 43 -6.33 12.19 -1.09
CA PHE A 43 -6.05 12.78 0.21
C PHE A 43 -7.34 12.88 1.01
N ARG A 44 -7.38 12.28 2.20
CA ARG A 44 -8.57 12.35 3.03
C ARG A 44 -8.23 12.37 4.53
N CYS A 45 -9.19 12.82 5.33
CA CYS A 45 -9.01 12.93 6.78
C CYS A 45 -10.00 12.02 7.50
N THR A 46 -9.59 11.50 8.66
CA THR A 46 -10.46 10.62 9.43
C THR A 46 -11.65 11.36 10.02
N LEU A 47 -11.49 12.66 10.25
CA LEU A 47 -12.56 13.49 10.79
C LEU A 47 -12.79 14.67 9.84
N THR A 48 -13.80 14.58 8.99
CA THR A 48 -14.05 15.67 8.03
C THR A 48 -14.53 16.93 8.74
N ASN A 49 -15.10 16.77 9.94
CA ASN A 49 -15.51 17.92 10.73
C ASN A 49 -14.39 17.95 11.79
N ILE A 50 -13.48 18.89 11.67
CA ILE A 50 -12.34 19.00 12.57
C ILE A 50 -12.67 19.58 13.95
N PRO A 51 -12.26 18.88 15.03
CA PRO A 51 -12.52 19.36 16.39
C PRO A 51 -11.80 20.68 16.57
N GLN A 52 -12.48 21.65 17.19
CA GLN A 52 -11.91 22.98 17.40
C GLN A 52 -10.75 23.00 18.39
N THR A 53 -10.76 22.09 19.36
CA THR A 53 -9.70 22.05 20.37
C THR A 53 -9.21 20.62 20.63
N GLN A 54 -8.03 20.51 21.23
CA GLN A 54 -7.48 19.19 21.54
C GLN A 54 -8.39 18.55 22.59
N ALA A 55 -9.04 19.39 23.39
CA ALA A 55 -9.96 18.89 24.42
C ALA A 55 -11.15 18.19 23.77
N LEU A 56 -11.72 18.82 22.74
CA LEU A 56 -12.87 18.25 22.04
C LEU A 56 -12.45 16.97 21.33
N LEU A 57 -11.27 16.97 20.72
CA LEU A 57 -10.75 15.80 20.03
C LEU A 57 -10.60 14.66 21.05
N ASN A 58 -10.07 14.99 22.23
CA ASN A 58 -9.90 13.97 23.26
C ASN A 58 -11.24 13.42 23.72
N LYS A 59 -12.23 14.29 23.85
CA LYS A 59 -13.55 13.84 24.26
C LYS A 59 -14.18 12.92 23.22
N ALA A 60 -13.77 13.07 21.95
CA ALA A 60 -14.30 12.26 20.86
C ALA A 60 -13.76 10.83 20.80
N LYS A 61 -12.53 10.65 21.30
CA LYS A 61 -11.85 9.35 21.33
C LYS A 61 -11.28 8.96 19.97
N LEU A 62 -11.98 9.31 18.89
CA LEU A 62 -11.52 8.98 17.54
C LEU A 62 -10.16 9.58 17.17
N PRO A 63 -9.32 8.80 16.46
CA PRO A 63 -8.00 9.30 16.07
C PRO A 63 -8.10 10.28 14.89
N LEU A 64 -7.38 11.39 15.00
CA LEU A 64 -7.36 12.38 13.92
C LEU A 64 -6.12 12.15 13.08
N GLY A 65 -6.33 11.92 11.78
CA GLY A 65 -5.20 11.68 10.92
C GLY A 65 -5.51 11.86 9.45
N LEU A 66 -4.48 11.78 8.62
CA LEU A 66 -4.62 11.94 7.19
C LEU A 66 -4.11 10.70 6.47
N LEU A 67 -4.77 10.35 5.35
CA LEU A 67 -4.37 9.22 4.54
C LEU A 67 -4.11 9.76 3.14
N LEU A 68 -3.04 9.29 2.50
CA LEU A 68 -2.74 9.75 1.15
C LEU A 68 -2.14 8.71 0.21
N HIS A 69 -2.41 8.92 -1.08
CA HIS A 69 -1.97 8.08 -2.19
C HIS A 69 -1.58 9.22 -3.15
N PRO A 70 -0.53 9.98 -2.77
CA PRO A 70 0.04 11.15 -3.44
C PRO A 70 0.54 11.12 -4.87
N PHE A 71 0.93 9.95 -5.37
CA PHE A 71 1.47 9.88 -6.73
C PHE A 71 0.66 8.93 -7.61
N ARG A 72 -0.57 8.62 -7.21
CA ARG A 72 -1.40 7.69 -7.99
C ARG A 72 -1.61 8.16 -9.42
N ASP A 73 -1.81 7.20 -10.33
CA ASP A 73 -2.02 7.55 -11.73
C ASP A 73 -3.33 8.32 -11.87
N LEU A 74 -3.28 9.46 -12.54
CA LEU A 74 -4.45 10.31 -12.73
C LEU A 74 -4.84 10.37 -14.21
N THR A 75 -6.14 10.56 -14.47
CA THR A 75 -6.65 10.64 -15.84
C THR A 75 -6.46 12.05 -16.39
N GLN A 76 -6.46 13.03 -15.50
CA GLN A 76 -6.24 14.41 -15.90
C GLN A 76 -5.48 15.08 -14.76
N LEU A 77 -4.59 16.00 -15.13
CA LEU A 77 -3.79 16.70 -14.14
C LEU A 77 -3.32 18.04 -14.67
N PRO A 78 -3.75 19.14 -14.03
CA PRO A 78 -3.31 20.44 -14.52
C PRO A 78 -1.81 20.59 -14.28
N VAL A 79 -1.05 20.75 -15.35
CA VAL A 79 0.40 20.91 -15.23
C VAL A 79 0.68 22.39 -15.45
N ILE A 80 1.32 23.00 -14.46
CA ILE A 80 1.62 24.42 -14.50
C ILE A 80 3.09 24.76 -14.75
N THR A 81 3.34 25.55 -15.79
CA THR A 81 4.68 25.98 -16.15
C THR A 81 4.78 27.49 -16.00
N SER A 82 5.32 27.95 -14.88
CA SER A 82 5.48 29.37 -14.61
C SER A 82 6.86 29.67 -14.04
N ASN A 83 7.39 30.84 -14.38
CA ASN A 83 8.70 31.27 -13.91
C ASN A 83 8.70 31.39 -12.39
N THR A 84 7.52 31.62 -11.83
CA THR A 84 7.38 31.77 -10.39
C THR A 84 6.25 30.92 -9.82
N ILE A 85 6.59 30.09 -8.85
CA ILE A 85 5.64 29.24 -8.17
C ILE A 85 5.27 30.01 -6.90
N VAL A 86 4.02 30.50 -6.87
CA VAL A 86 3.53 31.31 -5.76
C VAL A 86 3.31 30.57 -4.44
N ARG A 87 4.06 30.99 -3.42
CA ARG A 87 3.97 30.37 -2.10
C ARG A 87 3.97 31.42 -0.99
N CYS A 88 3.37 31.08 0.14
CA CYS A 88 3.31 31.99 1.29
C CYS A 88 4.70 32.33 1.81
N ARG A 89 4.92 33.60 2.14
CA ARG A 89 6.19 34.09 2.63
C ARG A 89 6.55 33.60 4.03
N SER A 90 5.56 33.21 4.81
CA SER A 90 5.79 32.76 6.17
C SER A 90 5.77 31.26 6.43
N CYS A 91 4.90 30.53 5.73
CA CYS A 91 4.83 29.09 5.93
C CYS A 91 5.12 28.27 4.66
N ARG A 92 5.32 28.97 3.55
CA ARG A 92 5.64 28.35 2.26
C ARG A 92 4.52 27.52 1.63
N THR A 93 3.29 27.72 2.10
CA THR A 93 2.15 27.01 1.54
C THR A 93 1.98 27.45 0.09
N TYR A 94 1.64 26.51 -0.79
CA TYR A 94 1.43 26.83 -2.20
C TYR A 94 0.06 27.48 -2.37
N ILE A 95 -0.02 28.53 -3.18
CA ILE A 95 -1.30 29.20 -3.38
C ILE A 95 -2.28 28.14 -3.89
N ASN A 96 -3.52 28.20 -3.43
CA ASN A 96 -4.52 27.19 -3.78
C ASN A 96 -5.94 27.75 -3.83
N PRO A 97 -6.93 26.89 -4.18
CA PRO A 97 -8.34 27.30 -4.27
C PRO A 97 -8.97 27.86 -3.00
N PHE A 98 -8.35 27.60 -1.85
CA PHE A 98 -8.95 28.06 -0.61
C PHE A 98 -8.37 29.31 0.03
N VAL A 99 -7.48 30.00 -0.69
CA VAL A 99 -6.91 31.24 -0.17
C VAL A 99 -7.94 32.33 -0.47
N SER A 100 -7.75 33.49 0.11
CA SER A 100 -8.65 34.60 -0.13
C SER A 100 -7.87 35.81 -0.62
N PHE A 101 -8.40 36.45 -1.66
CA PHE A 101 -7.77 37.64 -2.22
C PHE A 101 -8.41 38.85 -1.56
N ILE A 102 -7.59 39.71 -0.95
CA ILE A 102 -8.13 40.87 -0.26
C ILE A 102 -8.01 42.19 -1.03
N ASP A 103 -7.64 42.11 -2.31
CA ASP A 103 -7.53 43.31 -3.14
C ASP A 103 -7.09 43.02 -4.58
N GLN A 104 -7.24 41.78 -5.00
CA GLN A 104 -6.88 41.38 -6.36
C GLN A 104 -5.37 41.43 -6.62
N ARG A 105 -4.62 42.01 -5.69
CA ARG A 105 -3.18 42.11 -5.82
C ARG A 105 -2.49 41.47 -4.61
N ARG A 106 -3.30 41.01 -3.67
CA ARG A 106 -2.79 40.38 -2.46
C ARG A 106 -3.67 39.21 -2.04
N TRP A 107 -3.04 38.15 -1.53
CA TRP A 107 -3.79 36.99 -1.07
C TRP A 107 -3.40 36.65 0.37
N LYS A 108 -4.38 36.22 1.14
CA LYS A 108 -4.13 35.83 2.52
C LYS A 108 -4.00 34.32 2.59
N CYS A 109 -2.91 33.86 3.19
CA CYS A 109 -2.66 32.43 3.32
C CYS A 109 -3.73 31.80 4.21
N ASN A 110 -4.27 30.66 3.76
CA ASN A 110 -5.30 29.98 4.51
C ASN A 110 -4.75 29.04 5.58
N LEU A 111 -3.43 28.99 5.71
CA LEU A 111 -2.81 28.13 6.72
C LEU A 111 -2.20 28.91 7.89
N CYS A 112 -1.58 30.07 7.60
CA CYS A 112 -0.98 30.87 8.68
C CYS A 112 -1.57 32.29 8.72
N TYR A 113 -2.44 32.58 7.76
CA TYR A 113 -3.14 33.85 7.67
C TYR A 113 -2.32 35.09 7.34
N ARG A 114 -1.07 34.90 6.92
CA ARG A 114 -0.24 36.04 6.56
C ARG A 114 -0.60 36.53 5.16
N VAL A 115 -0.57 37.84 4.96
CA VAL A 115 -0.90 38.43 3.67
C VAL A 115 0.33 38.42 2.77
N ASN A 116 0.12 38.05 1.50
CA ASN A 116 1.19 37.97 0.51
C ASN A 116 0.84 38.77 -0.73
N ASP A 117 1.85 39.27 -1.41
CA ASP A 117 1.64 40.03 -2.63
C ASP A 117 1.53 39.06 -3.80
N VAL A 118 0.66 39.37 -4.75
CA VAL A 118 0.50 38.53 -5.93
C VAL A 118 1.48 39.00 -6.99
N PRO A 119 2.37 38.10 -7.45
CA PRO A 119 3.35 38.47 -8.46
C PRO A 119 2.68 38.85 -9.78
N GLU A 120 3.28 39.79 -10.50
CA GLU A 120 2.74 40.28 -11.77
C GLU A 120 2.48 39.13 -12.76
N GLU A 121 3.42 38.20 -12.87
CA GLU A 121 3.27 37.08 -13.79
C GLU A 121 2.01 36.28 -13.49
N PHE A 122 1.71 36.11 -12.22
CA PHE A 122 0.54 35.35 -11.80
C PHE A 122 -0.73 36.00 -12.34
N MET A 123 -0.58 37.20 -12.89
CA MET A 123 -1.70 37.93 -13.45
C MET A 123 -1.56 38.08 -14.97
N GLU A 133 -7.33 39.18 -12.83
CA GLU A 133 -8.14 38.06 -12.36
C GLU A 133 -7.27 36.89 -11.89
N PRO A 134 -6.40 37.13 -10.90
CA PRO A 134 -5.52 36.07 -10.38
C PRO A 134 -6.28 34.90 -9.76
N HIS A 135 -7.55 35.11 -9.44
CA HIS A 135 -8.37 34.07 -8.84
C HIS A 135 -8.83 33.01 -9.85
N LYS A 136 -8.67 33.28 -11.13
CA LYS A 136 -9.07 32.34 -12.18
C LYS A 136 -7.86 31.51 -12.62
N ARG A 137 -6.76 31.66 -11.91
CA ARG A 137 -5.52 30.95 -12.19
C ARG A 137 -5.71 29.45 -11.88
N PRO A 138 -5.06 28.56 -12.66
CA PRO A 138 -5.17 27.11 -12.46
C PRO A 138 -4.91 26.68 -11.01
N GLU A 139 -3.91 27.28 -10.39
CA GLU A 139 -3.55 26.95 -9.01
C GLU A 139 -4.71 27.20 -8.05
N VAL A 140 -5.58 28.14 -8.41
CA VAL A 140 -6.70 28.50 -7.56
C VAL A 140 -8.02 27.89 -8.01
N GLN A 141 -8.00 27.16 -9.13
CA GLN A 141 -9.21 26.53 -9.65
C GLN A 141 -9.16 25.00 -9.60
N ASN A 142 -8.08 24.46 -9.05
CA ASN A 142 -7.91 23.02 -8.93
C ASN A 142 -7.14 22.73 -7.65
N SER A 143 -7.61 21.75 -6.87
CA SER A 143 -6.97 21.39 -5.60
C SER A 143 -5.81 20.40 -5.79
N THR A 144 -5.72 19.83 -6.99
CA THR A 144 -4.63 18.92 -7.33
C THR A 144 -3.99 19.44 -8.61
N VAL A 145 -2.72 19.85 -8.51
CA VAL A 145 -1.99 20.38 -9.66
C VAL A 145 -0.54 19.91 -9.57
N GLU A 146 0.21 20.16 -10.64
CA GLU A 146 1.61 19.79 -10.65
C GLU A 146 2.41 20.91 -11.34
N PHE A 147 3.40 21.42 -10.63
CA PHE A 147 4.25 22.50 -11.13
C PHE A 147 5.55 21.95 -11.70
N ILE A 148 6.06 22.62 -12.73
CA ILE A 148 7.34 22.23 -13.30
C ILE A 148 8.26 23.27 -12.66
N ALA A 149 9.19 22.81 -11.84
CA ALA A 149 10.10 23.71 -11.14
C ALA A 149 11.44 23.87 -11.84
N SER A 150 12.21 24.86 -11.38
CA SER A 150 13.51 25.13 -11.98
C SER A 150 14.65 25.00 -10.97
N SER A 151 15.79 25.60 -11.32
CA SER A 151 16.99 25.55 -10.50
C SER A 151 16.83 25.75 -9.00
N ASP A 152 15.87 26.56 -8.59
CA ASP A 152 15.69 26.81 -7.17
C ASP A 152 15.16 25.60 -6.39
N TYR A 153 14.80 24.52 -7.09
CA TYR A 153 14.31 23.32 -6.42
C TYR A 153 15.23 22.12 -6.62
N MET A 154 16.48 22.39 -7.01
CA MET A 154 17.44 21.31 -7.22
C MET A 154 18.81 21.64 -6.62
N LEU A 155 19.38 20.67 -5.91
CA LEU A 155 20.68 20.84 -5.28
C LEU A 155 21.77 20.33 -6.21
N ARG A 156 21.35 19.64 -7.26
CA ARG A 156 22.25 19.08 -8.26
C ARG A 156 21.42 18.91 -9.52
N PRO A 157 22.06 18.67 -10.67
CA PRO A 157 21.26 18.49 -11.89
C PRO A 157 20.33 17.29 -11.67
N PRO A 158 19.10 17.35 -12.20
CA PRO A 158 18.17 16.22 -12.04
C PRO A 158 18.83 14.93 -12.50
N GLN A 159 18.92 13.95 -11.60
CA GLN A 159 19.55 12.66 -11.91
C GLN A 159 18.82 11.86 -12.96
N PRO A 160 19.55 11.07 -13.76
CA PRO A 160 18.90 10.27 -14.79
C PRO A 160 18.32 9.04 -14.09
N ALA A 161 17.47 8.28 -14.77
CA ALA A 161 16.91 7.08 -14.16
C ALA A 161 18.03 6.04 -14.08
N VAL A 162 18.19 5.41 -12.91
CA VAL A 162 19.22 4.39 -12.72
C VAL A 162 18.59 3.18 -12.06
N TYR A 163 18.75 2.01 -12.67
CA TYR A 163 18.16 0.77 -12.15
C TYR A 163 19.23 -0.29 -11.89
N LEU A 164 19.21 -0.89 -10.70
CA LEU A 164 20.16 -1.93 -10.35
C LEU A 164 19.42 -3.16 -9.82
N PHE A 165 19.71 -4.31 -10.42
CA PHE A 165 19.08 -5.57 -10.01
C PHE A 165 20.11 -6.44 -9.28
N VAL A 166 19.79 -6.78 -8.04
CA VAL A 166 20.66 -7.59 -7.19
C VAL A 166 19.97 -8.92 -6.95
N LEU A 167 20.50 -9.96 -7.58
CA LEU A 167 19.91 -11.28 -7.56
C LEU A 167 20.58 -12.44 -6.82
N ASP A 168 19.78 -13.09 -5.97
CA ASP A 168 20.20 -14.26 -5.20
C ASP A 168 20.29 -15.42 -6.20
N VAL A 169 21.47 -16.04 -6.33
CA VAL A 169 21.63 -17.16 -7.24
C VAL A 169 22.13 -18.43 -6.54
N SER A 170 21.81 -18.54 -5.25
CA SER A 170 22.18 -19.72 -4.46
C SER A 170 21.38 -20.89 -5.04
N HIS A 171 21.70 -22.11 -4.63
CA HIS A 171 20.99 -23.27 -5.16
C HIS A 171 19.49 -23.14 -4.89
N ASN A 172 19.15 -22.67 -3.69
CA ASN A 172 17.75 -22.49 -3.32
C ASN A 172 17.04 -21.58 -4.32
N ALA A 173 17.69 -20.47 -4.64
CA ALA A 173 17.15 -19.50 -5.59
C ALA A 173 17.02 -20.09 -6.99
N VAL A 174 18.03 -20.85 -7.40
CA VAL A 174 18.01 -21.46 -8.72
C VAL A 174 16.86 -22.47 -8.82
N GLU A 175 16.69 -23.25 -7.76
CA GLU A 175 15.61 -24.24 -7.72
C GLU A 175 14.26 -23.54 -7.82
N ALA A 176 14.14 -22.40 -7.14
CA ALA A 176 12.90 -21.63 -7.13
C ALA A 176 12.48 -21.23 -8.54
N GLY A 177 13.46 -20.95 -9.40
CA GLY A 177 13.18 -20.60 -10.78
C GLY A 177 12.58 -19.23 -11.06
N TYR A 178 12.84 -18.24 -10.21
CA TYR A 178 12.30 -16.91 -10.43
C TYR A 178 13.08 -16.17 -11.52
N LEU A 179 14.34 -16.55 -11.71
CA LEU A 179 15.18 -15.90 -12.71
C LEU A 179 14.56 -15.84 -14.11
N THR A 180 13.99 -16.95 -14.55
CA THR A 180 13.38 -16.98 -15.88
C THR A 180 12.27 -15.95 -15.96
N ILE A 181 11.46 -15.85 -14.91
CA ILE A 181 10.35 -14.90 -14.89
C ILE A 181 10.86 -13.46 -14.96
N LEU A 182 11.79 -13.11 -14.07
CA LEU A 182 12.32 -11.76 -14.05
C LEU A 182 13.03 -11.35 -15.34
N CYS A 183 13.91 -12.22 -15.84
CA CYS A 183 14.64 -11.89 -17.06
C CYS A 183 13.73 -11.75 -18.27
N GLN A 184 12.72 -12.61 -18.37
CA GLN A 184 11.79 -12.53 -19.49
C GLN A 184 11.00 -11.22 -19.41
N SER A 185 10.58 -10.86 -18.20
CA SER A 185 9.83 -9.63 -17.99
C SER A 185 10.69 -8.41 -18.35
N LEU A 186 11.95 -8.43 -17.94
CA LEU A 186 12.85 -7.31 -18.24
C LEU A 186 13.07 -7.18 -19.75
N LEU A 187 13.21 -8.32 -20.43
CA LEU A 187 13.41 -8.31 -21.88
C LEU A 187 12.19 -7.71 -22.58
N GLU A 188 10.99 -8.16 -22.21
CA GLU A 188 9.77 -7.66 -22.83
C GLU A 188 9.52 -6.19 -22.55
N ASN A 189 10.00 -5.71 -21.41
CA ASN A 189 9.77 -4.32 -21.03
C ASN A 189 11.01 -3.44 -21.03
N LEU A 190 12.09 -3.92 -21.63
CA LEU A 190 13.35 -3.19 -21.66
C LEU A 190 13.24 -1.77 -22.23
N ASP A 191 12.38 -1.58 -23.23
CA ASP A 191 12.21 -0.26 -23.83
C ASP A 191 11.02 0.48 -23.21
N LYS A 192 10.43 -0.10 -22.16
CA LYS A 192 9.29 0.51 -21.51
C LYS A 192 9.62 1.03 -20.11
N LEU A 193 10.88 0.87 -19.70
CA LEU A 193 11.29 1.36 -18.38
C LEU A 193 11.27 2.88 -18.41
N PRO A 194 10.67 3.52 -17.39
CA PRO A 194 10.64 4.98 -17.39
C PRO A 194 12.06 5.54 -17.49
N GLY A 195 12.23 6.60 -18.27
CA GLY A 195 13.55 7.20 -18.42
C GLY A 195 13.77 7.73 -19.83
N ASP A 196 14.98 8.21 -20.08
CA ASP A 196 15.32 8.75 -21.39
C ASP A 196 16.63 8.17 -21.89
N SER A 197 17.27 8.85 -22.84
CA SER A 197 18.52 8.37 -23.40
C SER A 197 19.62 8.26 -22.36
N ARG A 198 19.44 8.92 -21.21
CA ARG A 198 20.43 8.89 -20.15
C ARG A 198 20.24 7.73 -19.16
N THR A 199 19.15 6.98 -19.33
CA THR A 199 18.85 5.85 -18.44
C THR A 199 20.03 4.88 -18.34
N ARG A 200 20.36 4.49 -17.11
CA ARG A 200 21.45 3.54 -16.85
C ARG A 200 20.89 2.33 -16.11
N ILE A 201 21.54 1.18 -16.30
CA ILE A 201 21.09 -0.05 -15.66
C ILE A 201 22.27 -0.97 -15.38
N GLY A 202 22.15 -1.79 -14.33
CA GLY A 202 23.22 -2.69 -13.97
C GLY A 202 22.69 -3.95 -13.31
N PHE A 203 23.55 -4.96 -13.21
CA PHE A 203 23.16 -6.23 -12.63
C PHE A 203 24.22 -6.80 -11.70
N MET A 204 23.75 -7.48 -10.66
CA MET A 204 24.61 -8.14 -9.69
C MET A 204 23.96 -9.45 -9.28
N THR A 205 24.77 -10.49 -9.09
CA THR A 205 24.24 -11.76 -8.61
C THR A 205 25.12 -12.14 -7.43
N PHE A 206 24.63 -13.03 -6.58
CA PHE A 206 25.43 -13.42 -5.43
C PHE A 206 25.07 -14.78 -4.85
N ASP A 207 26.08 -15.44 -4.32
CA ASP A 207 25.93 -16.72 -3.63
C ASP A 207 26.93 -16.63 -2.49
N SER A 208 28.00 -17.42 -2.51
CA SER A 208 28.99 -17.29 -1.45
C SER A 208 29.89 -16.09 -1.81
N THR A 209 29.82 -15.68 -3.08
CA THR A 209 30.61 -14.53 -3.54
C THR A 209 29.70 -13.48 -4.19
N ILE A 210 30.25 -12.30 -4.44
CA ILE A 210 29.51 -11.20 -5.06
C ILE A 210 29.96 -11.11 -6.53
N HIS A 211 28.99 -11.03 -7.44
CA HIS A 211 29.29 -10.97 -8.87
C HIS A 211 28.83 -9.67 -9.53
N PHE A 212 29.74 -9.01 -10.23
CA PHE A 212 29.42 -7.78 -10.95
C PHE A 212 29.47 -8.12 -12.42
N TYR A 213 28.81 -7.31 -13.25
CA TYR A 213 28.82 -7.56 -14.68
C TYR A 213 29.22 -6.30 -15.45
N ASN A 214 30.39 -6.37 -16.07
CA ASN A 214 30.91 -5.25 -16.85
C ASN A 214 30.17 -5.30 -18.18
N LEU A 215 29.39 -4.27 -18.48
CA LEU A 215 28.63 -4.22 -19.72
C LEU A 215 28.95 -2.94 -20.50
N GLN A 216 30.15 -2.42 -20.31
CA GLN A 216 30.56 -1.19 -20.99
C GLN A 216 30.51 -1.31 -22.50
N GLU A 217 30.19 -0.20 -23.16
CA GLU A 217 30.13 -0.15 -24.61
C GLU A 217 31.50 -0.59 -25.13
N GLY A 218 31.50 -1.33 -26.24
CA GLY A 218 32.76 -1.78 -26.79
C GLY A 218 32.97 -3.26 -26.60
N LEU A 219 32.40 -3.82 -25.54
CA LEU A 219 32.53 -5.25 -25.27
C LEU A 219 31.64 -6.02 -26.23
N SER A 220 32.05 -7.25 -26.53
CA SER A 220 31.27 -8.11 -27.42
C SER A 220 30.42 -9.06 -26.57
N GLN A 221 30.77 -9.19 -25.31
CA GLN A 221 30.03 -10.04 -24.38
C GLN A 221 30.27 -9.55 -22.96
N PRO A 222 29.31 -9.79 -22.04
CA PRO A 222 29.45 -9.36 -20.66
C PRO A 222 30.66 -9.97 -19.96
N GLN A 223 31.30 -9.19 -19.08
CA GLN A 223 32.42 -9.69 -18.31
C GLN A 223 31.97 -9.79 -16.87
N MET A 224 31.88 -11.02 -16.37
CA MET A 224 31.46 -11.28 -15.01
C MET A 224 32.67 -11.11 -14.10
N LEU A 225 32.51 -10.31 -13.05
CA LEU A 225 33.60 -10.07 -12.09
C LEU A 225 33.18 -10.71 -10.78
N ILE A 226 34.08 -11.53 -10.21
CA ILE A 226 33.76 -12.22 -8.97
C ILE A 226 34.71 -11.81 -7.85
N VAL A 227 34.13 -11.43 -6.71
CA VAL A 227 34.94 -11.01 -5.57
C VAL A 227 34.34 -11.51 -4.25
N SER A 228 35.20 -11.63 -3.25
CA SER A 228 34.76 -12.04 -1.92
C SER A 228 34.87 -10.78 -1.07
N ASP A 229 35.72 -9.85 -1.52
CA ASP A 229 35.92 -8.58 -0.83
C ASP A 229 35.31 -7.48 -1.68
N ILE A 230 34.17 -6.93 -1.22
CA ILE A 230 33.48 -5.88 -1.97
C ILE A 230 34.28 -4.60 -2.13
N ASP A 231 35.37 -4.45 -1.39
CA ASP A 231 36.19 -3.25 -1.52
C ASP A 231 37.39 -3.47 -2.43
N ASP A 232 37.34 -4.57 -3.19
CA ASP A 232 38.42 -4.93 -4.12
C ASP A 232 38.85 -3.70 -4.94
N VAL A 233 40.12 -3.30 -4.82
CA VAL A 233 40.61 -2.13 -5.53
C VAL A 233 40.75 -2.28 -7.04
N PHE A 234 40.64 -3.52 -7.55
CA PHE A 234 40.76 -3.74 -8.98
C PHE A 234 39.41 -3.63 -9.70
N LEU A 235 38.34 -3.50 -8.92
CA LEU A 235 37.01 -3.36 -9.51
C LEU A 235 36.99 -2.10 -10.37
N PRO A 236 36.28 -2.16 -11.51
CA PRO A 236 36.19 -1.01 -12.42
C PRO A 236 35.30 0.10 -11.87
N THR A 237 35.32 1.25 -12.55
CA THR A 237 34.51 2.38 -12.11
C THR A 237 33.04 2.06 -12.35
N PRO A 238 32.14 2.74 -11.60
CA PRO A 238 30.69 2.55 -11.71
C PRO A 238 30.14 2.65 -13.13
N ASP A 239 30.76 3.47 -13.97
CA ASP A 239 30.29 3.63 -15.35
C ASP A 239 30.32 2.36 -16.18
N SER A 240 31.11 1.38 -15.75
CA SER A 240 31.22 0.11 -16.48
C SER A 240 30.22 -0.91 -15.94
N LEU A 241 29.67 -0.63 -14.76
CA LEU A 241 28.72 -1.53 -14.13
C LEU A 241 27.28 -1.03 -14.30
N LEU A 242 27.06 0.25 -14.04
CA LEU A 242 25.75 0.86 -14.25
C LEU A 242 25.93 1.53 -15.60
N VAL A 243 25.60 0.81 -16.66
CA VAL A 243 25.80 1.32 -18.01
C VAL A 243 24.60 1.98 -18.67
N ASN A 244 24.87 2.73 -19.72
CA ASN A 244 23.83 3.42 -20.46
C ASN A 244 22.98 2.39 -21.19
N LEU A 245 21.69 2.37 -20.87
CA LEU A 245 20.75 1.42 -21.45
C LEU A 245 20.74 1.39 -22.98
N TYR A 246 20.68 2.56 -23.60
CA TYR A 246 20.66 2.63 -25.06
C TYR A 246 21.95 2.14 -25.69
N GLU A 247 23.08 2.63 -25.19
CA GLU A 247 24.40 2.25 -25.74
C GLU A 247 24.76 0.78 -25.59
N SER A 248 24.41 0.18 -24.46
CA SER A 248 24.75 -1.22 -24.22
C SER A 248 23.55 -2.16 -24.32
N LYS A 249 22.54 -1.74 -25.07
CA LYS A 249 21.32 -2.51 -25.23
C LYS A 249 21.51 -4.00 -25.54
N GLU A 250 22.30 -4.30 -26.57
CA GLU A 250 22.52 -5.69 -26.95
C GLU A 250 23.26 -6.49 -25.88
N LEU A 251 24.26 -5.89 -25.24
CA LEU A 251 24.99 -6.59 -24.19
C LEU A 251 24.02 -6.92 -23.05
N ILE A 252 23.14 -5.97 -22.73
CA ILE A 252 22.17 -6.16 -21.68
C ILE A 252 21.25 -7.33 -22.01
N LYS A 253 20.70 -7.34 -23.22
CA LYS A 253 19.82 -8.42 -23.65
C LYS A 253 20.54 -9.76 -23.61
N ASP A 254 21.82 -9.78 -23.99
CA ASP A 254 22.57 -11.03 -23.96
C ASP A 254 22.65 -11.54 -22.52
N LEU A 255 22.92 -10.65 -21.58
CA LEU A 255 23.00 -11.05 -20.18
C LEU A 255 21.64 -11.57 -19.69
N LEU A 256 20.58 -10.87 -20.06
CA LEU A 256 19.23 -11.27 -19.64
C LEU A 256 18.86 -12.65 -20.17
N ASN A 257 19.30 -12.97 -21.38
CA ASN A 257 19.00 -14.27 -21.97
C ASN A 257 19.83 -15.39 -21.34
N ALA A 258 21.01 -15.06 -20.86
CA ALA A 258 21.90 -16.04 -20.26
C ALA A 258 21.67 -16.32 -18.77
N LEU A 259 21.30 -15.29 -18.02
CA LEU A 259 21.10 -15.43 -16.58
C LEU A 259 20.30 -16.65 -16.10
N PRO A 260 19.15 -16.94 -16.73
CA PRO A 260 18.35 -18.10 -16.31
C PRO A 260 19.05 -19.45 -16.48
N ASN A 261 20.13 -19.49 -17.27
CA ASN A 261 20.85 -20.74 -17.52
C ASN A 261 22.32 -20.66 -17.11
N MET A 262 22.65 -19.67 -16.28
CA MET A 262 24.02 -19.47 -15.83
C MET A 262 24.41 -20.26 -14.59
N PHE A 263 23.44 -20.48 -13.71
CA PHE A 263 23.71 -21.16 -12.45
C PHE A 263 22.95 -22.48 -12.27
N THR A 264 22.60 -23.10 -13.39
CA THR A 264 21.87 -24.36 -13.37
C THR A 264 22.52 -25.37 -12.43
N ASN A 265 21.71 -25.95 -11.54
CA ASN A 265 22.17 -26.93 -10.57
C ASN A 265 23.46 -26.53 -9.86
N THR A 266 23.62 -25.24 -9.59
CA THR A 266 24.80 -24.72 -8.91
C THR A 266 25.10 -25.43 -7.60
N ARG A 267 26.38 -25.58 -7.29
CA ARG A 267 26.79 -26.23 -6.05
C ARG A 267 26.72 -25.25 -4.88
N GLU A 268 26.67 -23.96 -5.19
CA GLU A 268 26.61 -22.91 -4.18
C GLU A 268 25.29 -22.93 -3.41
N THR A 269 25.38 -22.92 -2.08
CA THR A 269 24.19 -22.92 -1.26
C THR A 269 24.08 -21.63 -0.42
N HIS A 270 25.20 -20.92 -0.30
CA HIS A 270 25.23 -19.69 0.48
C HIS A 270 24.60 -18.49 -0.21
N SER A 271 24.12 -17.55 0.59
CA SER A 271 23.51 -16.34 0.09
C SER A 271 24.06 -15.16 0.88
N ALA A 272 25.10 -14.53 0.35
CA ALA A 272 25.72 -13.39 1.01
C ALA A 272 25.03 -12.08 0.64
N LEU A 273 23.77 -11.93 1.05
CA LEU A 273 22.98 -10.74 0.77
C LEU A 273 23.61 -9.46 1.34
N GLY A 274 24.00 -9.50 2.60
CA GLY A 274 24.60 -8.34 3.24
C GLY A 274 25.65 -7.66 2.36
N PRO A 275 26.75 -8.37 2.06
CA PRO A 275 27.85 -7.84 1.24
C PRO A 275 27.36 -7.35 -0.12
N ALA A 276 26.40 -8.07 -0.70
CA ALA A 276 25.83 -7.69 -1.99
C ALA A 276 25.18 -6.31 -1.90
N LEU A 277 24.37 -6.11 -0.86
CA LEU A 277 23.69 -4.83 -0.68
C LEU A 277 24.67 -3.70 -0.36
N GLN A 278 25.73 -4.00 0.40
CA GLN A 278 26.72 -2.97 0.72
C GLN A 278 27.44 -2.55 -0.56
N ALA A 279 27.67 -3.53 -1.44
CA ALA A 279 28.31 -3.24 -2.71
C ALA A 279 27.35 -2.42 -3.56
N ALA A 280 26.06 -2.75 -3.47
CA ALA A 280 25.04 -2.04 -4.24
C ALA A 280 24.98 -0.59 -3.79
N PHE A 281 25.01 -0.37 -2.48
CA PHE A 281 24.96 0.97 -1.93
C PHE A 281 26.08 1.83 -2.51
N LYS A 282 27.30 1.30 -2.47
CA LYS A 282 28.47 2.02 -2.98
C LYS A 282 28.33 2.33 -4.46
N LEU A 283 27.84 1.37 -5.23
CA LEU A 283 27.66 1.53 -6.67
C LEU A 283 26.61 2.59 -7.03
N MET A 284 25.55 2.68 -6.23
CA MET A 284 24.46 3.62 -6.47
C MET A 284 24.65 4.99 -5.83
N SER A 285 25.54 5.05 -4.84
CA SER A 285 25.79 6.29 -4.11
C SER A 285 25.98 7.57 -4.93
N PRO A 286 26.70 7.51 -6.05
CA PRO A 286 26.91 8.71 -6.88
C PRO A 286 25.65 9.32 -7.51
N THR A 287 24.72 8.47 -7.97
CA THR A 287 23.52 8.97 -8.64
C THR A 287 22.19 8.77 -7.93
N GLY A 288 22.08 7.68 -7.17
CA GLY A 288 20.80 7.39 -6.54
C GLY A 288 20.07 6.59 -7.60
N GLY A 289 18.84 6.17 -7.31
CA GLY A 289 18.09 5.39 -8.28
C GLY A 289 17.27 4.33 -7.57
N ARG A 290 17.01 3.21 -8.26
CA ARG A 290 16.21 2.15 -7.67
C ARG A 290 16.91 0.79 -7.70
N VAL A 291 17.05 0.18 -6.53
CA VAL A 291 17.67 -1.15 -6.43
C VAL A 291 16.54 -2.17 -6.24
N SER A 292 16.55 -3.23 -7.05
CA SER A 292 15.55 -4.28 -6.97
C SER A 292 16.25 -5.54 -6.47
N VAL A 293 15.93 -5.93 -5.25
CA VAL A 293 16.54 -7.10 -4.62
C VAL A 293 15.64 -8.34 -4.65
N PHE A 294 16.20 -9.45 -5.11
CA PHE A 294 15.44 -10.70 -5.15
C PHE A 294 16.19 -11.68 -4.24
N GLN A 295 15.53 -12.04 -3.13
CA GLN A 295 16.12 -12.94 -2.12
C GLN A 295 15.19 -14.13 -1.89
N THR A 296 15.74 -15.32 -1.71
CA THR A 296 14.90 -16.50 -1.53
C THR A 296 15.07 -17.27 -0.22
N GLN A 297 15.95 -16.81 0.64
CA GLN A 297 16.19 -17.50 1.90
C GLN A 297 16.90 -16.57 2.87
N LEU A 298 17.08 -17.04 4.11
CA LEU A 298 17.79 -16.27 5.12
C LEU A 298 19.22 -15.96 4.67
N PRO A 299 19.65 -14.70 4.77
CA PRO A 299 21.02 -14.36 4.36
C PRO A 299 21.89 -15.25 5.25
N SER A 300 22.86 -15.95 4.66
CA SER A 300 23.65 -16.90 5.44
C SER A 300 25.14 -16.67 5.56
N LEU A 301 25.67 -15.69 4.85
CA LEU A 301 27.11 -15.45 4.89
C LEU A 301 27.46 -13.96 4.88
N GLY A 302 28.47 -13.59 5.65
CA GLY A 302 28.91 -12.21 5.70
C GLY A 302 28.09 -11.29 6.58
N ALA A 303 28.37 -10.00 6.50
CA ALA A 303 27.65 -9.02 7.29
C ALA A 303 26.17 -9.11 6.98
N GLY A 304 25.35 -8.96 8.01
CA GLY A 304 23.92 -9.02 7.81
C GLY A 304 23.31 -10.41 7.78
N LEU A 305 24.12 -11.45 7.95
CA LEU A 305 23.57 -12.81 7.93
C LEU A 305 22.55 -12.89 9.06
N LEU A 306 21.49 -13.65 8.86
CA LEU A 306 20.43 -13.77 9.86
C LEU A 306 20.19 -15.19 10.36
N GLN A 307 19.87 -15.29 11.65
CA GLN A 307 19.60 -16.58 12.27
C GLN A 307 18.12 -16.96 12.08
N SER A 308 17.86 -18.26 12.10
CA SER A 308 16.50 -18.77 11.97
C SER A 308 15.91 -18.74 13.38
N ARG A 309 15.48 -17.57 13.82
CA ARG A 309 14.95 -17.41 15.16
C ARG A 309 13.45 -17.64 15.38
N GLU A 310 12.66 -17.77 14.32
CA GLU A 310 11.22 -17.94 14.51
C GLU A 310 10.91 -19.04 15.51
N ASP A 311 10.01 -18.74 16.45
CA ASP A 311 9.61 -19.68 17.48
C ASP A 311 8.46 -20.53 16.95
N PRO A 312 8.68 -21.85 16.81
CA PRO A 312 7.65 -22.76 16.31
C PRO A 312 6.42 -22.85 17.17
N ASN A 313 6.58 -22.56 18.47
CA ASN A 313 5.46 -22.62 19.41
C ASN A 313 4.57 -21.40 19.25
N GLN A 314 3.48 -21.54 18.49
CA GLN A 314 2.53 -20.46 18.27
C GLN A 314 2.04 -19.81 19.57
N ARG A 315 1.73 -20.62 20.56
CA ARG A 315 1.25 -20.06 21.82
C ARG A 315 2.27 -19.15 22.52
N SER A 316 3.54 -19.28 22.14
CA SER A 316 4.57 -18.44 22.76
C SER A 316 4.49 -17.00 22.22
N SER A 317 3.73 -16.81 21.16
CA SER A 317 3.57 -15.49 20.55
C SER A 317 2.16 -14.93 20.67
N THR A 318 1.37 -15.48 21.59
CA THR A 318 -0.01 -15.01 21.76
C THR A 318 -0.12 -13.59 22.30
N LYS A 319 0.71 -13.26 23.28
CA LYS A 319 0.70 -11.93 23.88
C LYS A 319 1.76 -11.01 23.29
N VAL A 320 2.93 -11.58 23.02
CA VAL A 320 4.05 -10.85 22.43
C VAL A 320 4.61 -11.75 21.33
N VAL A 321 4.55 -11.28 20.08
CA VAL A 321 5.03 -12.09 18.97
C VAL A 321 6.54 -12.23 19.10
N GLN A 322 7.02 -13.46 19.13
CA GLN A 322 8.45 -13.71 19.27
C GLN A 322 9.24 -13.34 18.03
N HIS A 323 10.30 -12.54 18.24
CA HIS A 323 11.17 -12.11 17.16
C HIS A 323 10.44 -11.31 16.08
N LEU A 324 9.46 -10.51 16.51
CA LEU A 324 8.69 -9.69 15.58
C LEU A 324 9.49 -8.49 15.08
N GLY A 325 10.38 -7.97 15.91
CA GLY A 325 11.18 -6.84 15.49
C GLY A 325 12.48 -7.29 14.83
N PRO A 326 13.20 -6.38 14.16
CA PRO A 326 14.46 -6.72 13.49
C PRO A 326 15.45 -7.36 14.47
N ALA A 327 16.23 -8.31 13.99
CA ALA A 327 17.21 -8.99 14.83
C ALA A 327 18.43 -8.11 14.98
N THR A 328 18.66 -7.30 13.95
CA THR A 328 19.79 -6.38 13.90
C THR A 328 19.34 -5.10 13.24
N ASP A 329 20.19 -4.08 13.27
CA ASP A 329 19.85 -2.81 12.64
C ASP A 329 20.61 -2.72 11.32
N PHE A 330 21.20 -3.83 10.90
CA PHE A 330 21.97 -3.86 9.66
C PHE A 330 21.16 -3.35 8.46
N TYR A 331 19.99 -3.92 8.25
CA TYR A 331 19.18 -3.54 7.10
C TYR A 331 18.55 -2.15 7.22
N LYS A 332 18.23 -1.72 8.43
CA LYS A 332 17.68 -0.39 8.66
C LYS A 332 18.78 0.62 8.32
N LYS A 333 19.97 0.37 8.88
CA LYS A 333 21.11 1.24 8.63
C LYS A 333 21.41 1.31 7.14
N LEU A 334 21.38 0.17 6.47
CA LEU A 334 21.63 0.13 5.03
C LEU A 334 20.61 1.02 4.30
N ALA A 335 19.34 0.91 4.69
CA ALA A 335 18.29 1.70 4.05
C ALA A 335 18.49 3.20 4.30
N LEU A 336 18.83 3.57 5.53
CA LEU A 336 19.05 4.98 5.86
C LEU A 336 20.21 5.53 5.03
N ASP A 337 21.26 4.73 4.86
CA ASP A 337 22.41 5.17 4.07
C ASP A 337 21.98 5.34 2.62
N CYS A 338 21.18 4.41 2.12
CA CYS A 338 20.69 4.49 0.74
C CYS A 338 19.85 5.75 0.56
N SER A 339 18.93 6.01 1.49
CA SER A 339 18.08 7.20 1.41
C SER A 339 18.92 8.46 1.37
N GLY A 340 20.04 8.45 2.09
CA GLY A 340 20.92 9.59 2.12
C GLY A 340 21.49 9.89 0.74
N GLN A 341 21.53 8.87 -0.10
CA GLN A 341 22.04 9.01 -1.47
C GLN A 341 20.94 8.87 -2.52
N GLN A 342 19.70 9.09 -2.11
CA GLN A 342 18.56 9.02 -3.01
C GLN A 342 18.41 7.65 -3.66
N THR A 343 18.73 6.60 -2.92
CA THR A 343 18.63 5.25 -3.44
C THR A 343 17.54 4.47 -2.70
N ALA A 344 16.54 4.00 -3.45
CA ALA A 344 15.45 3.23 -2.88
C ALA A 344 15.79 1.75 -3.05
N VAL A 345 15.40 0.91 -2.09
CA VAL A 345 15.68 -0.51 -2.18
C VAL A 345 14.37 -1.29 -2.06
N ASP A 346 14.01 -1.98 -3.14
CA ASP A 346 12.79 -2.76 -3.16
C ASP A 346 13.13 -4.22 -2.94
N LEU A 347 12.39 -4.87 -2.05
CA LEU A 347 12.63 -6.28 -1.73
C LEU A 347 11.58 -7.21 -2.29
N PHE A 348 12.06 -8.23 -2.99
CA PHE A 348 11.21 -9.27 -3.55
C PHE A 348 11.64 -10.54 -2.82
N LEU A 349 10.87 -10.95 -1.81
CA LEU A 349 11.19 -12.14 -1.03
C LEU A 349 10.36 -13.32 -1.53
N LEU A 350 11.05 -14.35 -2.02
CA LEU A 350 10.41 -15.55 -2.57
C LEU A 350 10.94 -16.79 -1.86
N SER A 351 10.68 -16.89 -0.57
CA SER A 351 11.18 -17.98 0.25
C SER A 351 10.15 -19.03 0.66
N SER A 352 10.63 -20.27 0.85
CA SER A 352 9.76 -21.38 1.26
C SER A 352 9.89 -21.64 2.76
N GLN A 353 10.93 -21.11 3.37
CA GLN A 353 11.16 -21.28 4.80
C GLN A 353 11.37 -19.89 5.41
N TYR A 354 11.22 -19.79 6.73
CA TYR A 354 11.40 -18.52 7.42
C TYR A 354 12.68 -17.83 6.94
N SER A 355 12.57 -16.55 6.61
CA SER A 355 13.73 -15.79 6.12
C SER A 355 13.87 -14.46 6.87
N ASP A 356 13.11 -14.31 7.94
CA ASP A 356 13.15 -13.10 8.77
C ASP A 356 12.83 -11.83 7.98
N LEU A 357 11.62 -11.76 7.44
CA LEU A 357 11.19 -10.58 6.70
C LEU A 357 11.21 -9.35 7.62
N ALA A 358 11.02 -9.56 8.92
CA ALA A 358 11.03 -8.44 9.87
C ALA A 358 12.32 -7.65 9.73
N SER A 359 13.44 -8.36 9.66
CA SER A 359 14.75 -7.73 9.51
C SER A 359 14.95 -7.22 8.08
N LEU A 360 14.73 -8.10 7.11
CA LEU A 360 14.91 -7.75 5.71
C LEU A 360 14.06 -6.58 5.23
N ALA A 361 12.82 -6.52 5.70
CA ALA A 361 11.90 -5.45 5.30
C ALA A 361 12.44 -4.06 5.58
N CYS A 362 13.34 -3.96 6.55
CA CYS A 362 13.92 -2.66 6.89
C CYS A 362 14.67 -2.04 5.71
N MET A 363 15.18 -2.86 4.79
CA MET A 363 15.93 -2.30 3.66
C MET A 363 15.03 -1.41 2.80
N SER A 364 13.74 -1.74 2.78
CA SER A 364 12.75 -0.99 2.01
C SER A 364 12.03 0.04 2.86
N LYS A 365 11.63 -0.35 4.08
CA LYS A 365 10.92 0.55 4.98
C LYS A 365 11.58 1.90 5.18
N TYR A 366 12.90 1.93 5.27
CA TYR A 366 13.60 3.19 5.48
C TYR A 366 14.26 3.83 4.24
N SER A 367 13.88 3.35 3.06
CA SER A 367 14.41 3.90 1.81
C SER A 367 13.27 4.17 0.83
N ALA A 368 12.03 4.18 1.35
CA ALA A 368 10.85 4.44 0.53
C ALA A 368 10.67 3.38 -0.55
N GLY A 369 11.16 2.17 -0.27
CA GLY A 369 11.04 1.08 -1.22
C GLY A 369 9.76 0.31 -1.08
N CYS A 370 9.63 -0.75 -1.88
CA CYS A 370 8.45 -1.60 -1.90
C CYS A 370 8.82 -3.01 -1.46
N ILE A 371 7.89 -3.69 -0.81
CA ILE A 371 8.11 -5.05 -0.35
C ILE A 371 7.11 -6.01 -1.01
N TYR A 372 7.64 -7.00 -1.72
CA TYR A 372 6.83 -8.01 -2.40
C TYR A 372 7.16 -9.36 -1.77
N TYR A 373 6.14 -10.16 -1.48
CA TYR A 373 6.34 -11.46 -0.85
C TYR A 373 5.65 -12.58 -1.62
N TYR A 374 6.42 -13.59 -2.00
CA TYR A 374 5.91 -14.75 -2.75
C TYR A 374 6.32 -16.01 -1.99
N PRO A 375 5.60 -16.35 -0.91
CA PRO A 375 5.93 -17.54 -0.13
C PRO A 375 5.90 -18.84 -0.93
N SER A 376 6.92 -19.66 -0.70
CA SER A 376 7.07 -20.95 -1.37
C SER A 376 7.02 -20.83 -2.88
N PHE A 377 7.61 -19.77 -3.40
CA PHE A 377 7.67 -19.56 -4.83
C PHE A 377 8.42 -20.72 -5.48
N HIS A 378 7.88 -21.22 -6.58
CA HIS A 378 8.53 -22.27 -7.36
C HIS A 378 7.89 -22.27 -8.75
N TYR A 379 8.72 -22.00 -9.75
CA TYR A 379 8.28 -21.93 -11.15
C TYR A 379 7.34 -23.06 -11.57
N THR A 380 7.71 -24.29 -11.24
CA THR A 380 6.91 -25.46 -11.63
C THR A 380 5.90 -25.96 -10.59
N HIS A 381 6.32 -26.08 -9.34
CA HIS A 381 5.44 -26.60 -8.29
C HIS A 381 4.45 -25.62 -7.67
N ASN A 382 4.61 -24.33 -7.95
CA ASN A 382 3.70 -23.32 -7.42
C ASN A 382 3.58 -22.26 -8.50
N PRO A 383 3.09 -22.67 -9.68
CA PRO A 383 2.93 -21.77 -10.83
C PRO A 383 2.09 -20.51 -10.63
N SER A 384 1.18 -20.53 -9.65
CA SER A 384 0.36 -19.36 -9.42
C SER A 384 1.23 -18.21 -8.94
N GLN A 385 2.24 -18.51 -8.13
CA GLN A 385 3.14 -17.47 -7.62
C GLN A 385 4.01 -16.96 -8.77
N ALA A 386 4.33 -17.84 -9.71
CA ALA A 386 5.15 -17.47 -10.87
C ALA A 386 4.37 -16.55 -11.79
N GLU A 387 3.12 -16.88 -12.06
CA GLU A 387 2.30 -16.03 -12.93
C GLU A 387 2.03 -14.70 -12.24
N LYS A 388 1.92 -14.72 -10.91
CA LYS A 388 1.69 -13.50 -10.15
C LYS A 388 2.90 -12.58 -10.27
N LEU A 389 4.10 -13.14 -10.11
CA LEU A 389 5.32 -12.34 -10.22
C LEU A 389 5.39 -11.72 -11.62
N GLN A 390 5.04 -12.50 -12.64
CA GLN A 390 5.06 -11.99 -14.02
C GLN A 390 4.23 -10.73 -14.11
N LYS A 391 2.99 -10.79 -13.62
CA LYS A 391 2.09 -9.65 -13.67
C LYS A 391 2.54 -8.50 -12.76
N ASP A 392 3.02 -8.84 -11.56
CA ASP A 392 3.47 -7.80 -10.65
C ASP A 392 4.67 -7.04 -11.25
N LEU A 393 5.55 -7.79 -11.93
CA LEU A 393 6.73 -7.17 -12.54
C LEU A 393 6.37 -6.25 -13.70
N LYS A 394 5.34 -6.60 -14.47
CA LYS A 394 4.94 -5.74 -15.59
C LYS A 394 4.59 -4.36 -15.03
N ARG A 395 3.82 -4.35 -13.94
CA ARG A 395 3.42 -3.10 -13.31
C ARG A 395 4.64 -2.40 -12.70
N TYR A 396 5.44 -3.14 -11.97
CA TYR A 396 6.63 -2.62 -11.32
C TYR A 396 7.60 -1.97 -12.31
N LEU A 397 7.79 -2.62 -13.45
CA LEU A 397 8.73 -2.14 -14.47
C LEU A 397 8.22 -1.05 -15.41
N THR A 398 6.90 -0.95 -15.60
CA THR A 398 6.37 0.07 -16.52
C THR A 398 5.63 1.25 -15.89
N ARG A 399 5.22 1.13 -14.63
CA ARG A 399 4.51 2.25 -13.98
C ARG A 399 5.43 3.46 -13.87
N LYS A 400 4.86 4.66 -13.73
CA LYS A 400 5.69 5.85 -13.63
C LYS A 400 6.51 5.81 -12.36
N ILE A 401 7.49 6.68 -12.27
CA ILE A 401 8.36 6.74 -11.09
C ILE A 401 8.91 8.14 -10.89
N GLY A 402 9.24 8.45 -9.64
CA GLY A 402 9.81 9.74 -9.30
C GLY A 402 11.07 9.49 -8.50
N PHE A 403 12.15 10.18 -8.85
CA PHE A 403 13.44 10.00 -8.17
C PHE A 403 13.76 11.14 -7.21
N GLU A 404 14.73 10.89 -6.33
CA GLU A 404 15.19 11.87 -5.34
C GLU A 404 14.08 12.81 -4.93
N ALA A 405 13.05 12.24 -4.32
CA ALA A 405 11.88 13.02 -3.93
C ALA A 405 11.76 13.33 -2.45
N VAL A 406 10.94 14.33 -2.15
CA VAL A 406 10.65 14.74 -0.79
C VAL A 406 9.19 15.14 -0.77
N MET A 407 8.54 14.94 0.38
CA MET A 407 7.14 15.28 0.50
C MET A 407 6.91 15.94 1.85
N ARG A 408 6.27 17.10 1.82
CA ARG A 408 5.97 17.81 3.06
C ARG A 408 4.46 17.97 3.14
N ILE A 409 3.93 17.90 4.35
CA ILE A 409 2.49 18.07 4.55
C ILE A 409 2.28 19.26 5.47
N ARG A 410 1.72 20.34 4.93
CA ARG A 410 1.47 21.53 5.71
C ARG A 410 0.01 21.54 6.18
N CYS A 411 -0.26 22.24 7.28
CA CYS A 411 -1.62 22.32 7.80
C CYS A 411 -1.83 23.64 8.52
N THR A 412 -3.08 24.06 8.58
CA THR A 412 -3.43 25.31 9.23
C THR A 412 -2.87 25.40 10.64
N LYS A 413 -2.42 26.61 11.01
CA LYS A 413 -1.86 26.88 12.32
C LYS A 413 -2.70 26.25 13.43
N GLY A 414 -2.05 25.58 14.36
CA GLY A 414 -2.77 24.92 15.45
C GLY A 414 -2.71 23.42 15.28
N LEU A 415 -2.68 22.97 14.03
CA LEU A 415 -2.62 21.55 13.72
C LEU A 415 -1.16 21.15 13.54
N SER A 416 -0.84 19.92 13.92
CA SER A 416 0.55 19.44 13.80
C SER A 416 0.63 17.97 13.44
N MET A 417 1.64 17.60 12.63
CA MET A 417 1.84 16.21 12.25
C MET A 417 2.45 15.57 13.49
N HIS A 418 2.00 14.37 13.86
CA HIS A 418 2.50 13.72 15.06
C HIS A 418 3.32 12.44 14.78
N THR A 419 2.75 11.52 14.02
CA THR A 419 3.43 10.28 13.69
C THR A 419 3.12 9.87 12.25
N PHE A 420 4.16 9.64 11.45
CA PHE A 420 3.96 9.22 10.07
C PHE A 420 3.97 7.71 9.96
N HIS A 421 3.26 7.20 8.96
CA HIS A 421 3.16 5.77 8.72
C HIS A 421 3.44 5.50 7.24
N GLY A 422 4.36 4.58 6.98
CA GLY A 422 4.70 4.25 5.60
C GLY A 422 6.18 4.01 5.43
N ASN A 423 6.62 3.86 4.19
CA ASN A 423 8.04 3.61 3.90
C ASN A 423 8.67 4.93 3.47
N PHE A 424 9.65 5.40 4.23
CA PHE A 424 10.29 6.67 3.95
C PHE A 424 11.40 6.95 4.99
N PHE A 425 12.01 8.12 4.86
CA PHE A 425 13.06 8.58 5.77
C PHE A 425 12.58 9.93 6.30
N VAL A 426 12.08 9.93 7.53
CA VAL A 426 11.57 11.18 8.12
C VAL A 426 12.71 12.17 8.34
N ARG A 427 12.48 13.42 8.00
CA ARG A 427 13.50 14.45 8.14
C ARG A 427 13.01 15.64 8.97
N SER A 428 11.73 15.63 9.33
CA SER A 428 11.15 16.71 10.11
C SER A 428 9.79 16.29 10.65
N THR A 429 9.18 17.16 11.44
CA THR A 429 7.87 16.85 11.99
C THR A 429 6.87 16.74 10.83
N ASP A 430 7.18 17.39 9.71
CA ASP A 430 6.27 17.36 8.56
C ASP A 430 6.94 17.13 7.21
N LEU A 431 8.16 16.61 7.22
CA LEU A 431 8.89 16.38 5.97
C LEU A 431 9.38 14.94 5.83
N LEU A 432 9.15 14.35 4.66
CA LEU A 432 9.60 12.98 4.41
C LEU A 432 10.54 12.93 3.22
N SER A 433 11.61 12.15 3.35
CA SER A 433 12.55 11.96 2.27
C SER A 433 12.12 10.65 1.61
N LEU A 434 11.88 10.68 0.31
CA LEU A 434 11.46 9.49 -0.43
C LEU A 434 12.46 9.23 -1.54
N ALA A 435 13.46 8.37 -1.30
CA ALA A 435 14.48 8.08 -2.30
C ALA A 435 13.84 7.87 -3.68
N ASN A 436 12.67 7.22 -3.66
CA ASN A 436 11.88 6.97 -4.86
C ASN A 436 10.43 7.22 -4.44
N ILE A 437 9.59 7.65 -5.36
CA ILE A 437 8.16 7.78 -5.04
C ILE A 437 7.50 6.99 -6.17
N ASN A 438 6.70 5.99 -5.81
CA ASN A 438 6.03 5.19 -6.84
C ASN A 438 4.53 5.47 -6.74
N PRO A 439 3.80 5.30 -7.85
CA PRO A 439 2.36 5.54 -7.92
C PRO A 439 1.42 4.59 -7.19
N ASP A 440 1.97 3.57 -6.55
CA ASP A 440 1.13 2.61 -5.86
C ASP A 440 1.25 2.71 -4.33
N ALA A 441 2.14 3.57 -3.84
CA ALA A 441 2.34 3.71 -2.41
C ALA A 441 1.39 4.64 -1.67
N GLY A 442 0.92 4.17 -0.51
CA GLY A 442 0.05 4.98 0.32
C GLY A 442 0.81 5.37 1.59
N PHE A 443 0.33 6.42 2.27
CA PHE A 443 0.95 6.90 3.50
C PHE A 443 -0.17 7.35 4.44
N ALA A 444 0.15 7.50 5.71
CA ALA A 444 -0.81 7.96 6.69
C ALA A 444 -0.05 8.75 7.76
N VAL A 445 -0.77 9.59 8.49
CA VAL A 445 -0.14 10.38 9.53
C VAL A 445 -1.18 10.80 10.57
N GLN A 446 -0.79 10.63 11.83
CA GLN A 446 -1.67 11.01 12.93
C GLN A 446 -1.36 12.48 13.26
N LEU A 447 -2.41 13.22 13.62
CA LEU A 447 -2.26 14.63 13.93
C LEU A 447 -2.62 14.92 15.39
N SER A 448 -2.27 16.12 15.84
CA SER A 448 -2.60 16.56 17.18
C SER A 448 -2.98 18.03 17.02
N ILE A 449 -3.69 18.57 18.00
CA ILE A 449 -4.07 19.98 17.96
C ILE A 449 -3.31 20.68 19.08
N GLU A 450 -2.27 21.43 18.70
CA GLU A 450 -1.44 22.14 19.67
C GLU A 450 -2.02 23.48 20.09
N GLU A 451 -2.70 24.16 19.17
CA GLU A 451 -3.33 25.44 19.45
C GLU A 451 -4.77 25.38 18.95
N SER A 452 -5.70 25.84 19.78
CA SER A 452 -7.12 25.85 19.43
C SER A 452 -7.37 26.53 18.09
N LEU A 453 -8.24 25.92 17.29
CA LEU A 453 -8.57 26.41 15.96
C LEU A 453 -9.75 27.39 16.00
N THR A 454 -9.59 28.46 16.77
CA THR A 454 -10.63 29.47 16.91
C THR A 454 -10.48 30.65 15.96
N ASP A 455 -9.33 30.73 15.27
CA ASP A 455 -9.07 31.81 14.33
C ASP A 455 -10.03 31.81 13.13
N THR A 456 -10.39 30.64 12.65
CA THR A 456 -11.31 30.53 11.52
C THR A 456 -12.20 29.29 11.62
N SER A 457 -13.21 29.21 10.75
CA SER A 457 -14.13 28.08 10.75
C SER A 457 -13.71 27.02 9.74
N LEU A 458 -12.56 27.21 9.12
CA LEU A 458 -12.05 26.25 8.14
C LEU A 458 -10.57 25.97 8.37
N VAL A 459 -10.17 24.73 8.10
CA VAL A 459 -8.76 24.35 8.22
C VAL A 459 -8.38 23.70 6.90
N CYS A 460 -7.09 23.74 6.60
CA CYS A 460 -6.60 23.18 5.36
C CYS A 460 -5.35 22.32 5.55
N PHE A 461 -5.23 21.31 4.70
CA PHE A 461 -4.09 20.40 4.71
C PHE A 461 -3.55 20.39 3.30
N GLN A 462 -2.24 20.49 3.15
CA GLN A 462 -1.67 20.50 1.81
C GLN A 462 -0.41 19.66 1.66
N THR A 463 -0.50 18.66 0.81
CA THR A 463 0.63 17.77 0.54
C THR A 463 1.41 18.31 -0.66
N ALA A 464 2.72 18.41 -0.51
CA ALA A 464 3.58 18.87 -1.59
C ALA A 464 4.64 17.80 -1.86
N LEU A 465 4.61 17.24 -3.06
CA LEU A 465 5.54 16.18 -3.45
C LEU A 465 6.50 16.65 -4.56
N LEU A 466 7.75 16.87 -4.17
CA LEU A 466 8.79 17.32 -5.09
C LEU A 466 9.61 16.11 -5.53
N TYR A 467 9.82 15.98 -6.84
CA TYR A 467 10.58 14.85 -7.36
C TYR A 467 11.20 15.13 -8.72
N THR A 468 12.07 14.23 -9.16
CA THR A 468 12.72 14.32 -10.45
C THR A 468 12.01 13.30 -11.33
N SER A 469 11.43 13.75 -12.44
CA SER A 469 10.72 12.85 -13.33
C SER A 469 11.69 11.96 -14.09
N SER A 470 11.15 10.93 -14.75
CA SER A 470 11.95 10.00 -15.52
C SER A 470 12.54 10.68 -16.76
N LYS A 471 12.13 11.93 -17.00
CA LYS A 471 12.62 12.68 -18.15
C LYS A 471 13.56 13.80 -17.72
N GLY A 472 13.91 13.83 -16.44
CA GLY A 472 14.83 14.83 -15.95
C GLY A 472 14.27 16.20 -15.54
N GLU A 473 12.97 16.27 -15.27
CA GLU A 473 12.37 17.54 -14.86
C GLU A 473 12.03 17.49 -13.38
N ARG A 474 12.23 18.60 -12.69
CA ARG A 474 11.88 18.67 -11.28
C ARG A 474 10.43 19.10 -11.26
N ARG A 475 9.59 18.32 -10.59
CA ARG A 475 8.17 18.64 -10.52
C ARG A 475 7.65 18.61 -9.10
N ILE A 476 6.60 19.37 -8.86
CA ILE A 476 5.97 19.42 -7.56
C ILE A 476 4.47 19.15 -7.70
N ARG A 477 4.02 18.00 -7.25
CA ARG A 477 2.60 17.68 -7.31
C ARG A 477 2.01 18.13 -5.97
N VAL A 478 0.95 18.93 -6.03
CA VAL A 478 0.33 19.47 -4.82
C VAL A 478 -1.14 19.10 -4.68
N HIS A 479 -1.52 18.72 -3.46
CA HIS A 479 -2.90 18.34 -3.16
C HIS A 479 -3.36 19.20 -1.97
N THR A 480 -4.49 19.88 -2.12
CA THR A 480 -5.00 20.72 -1.05
C THR A 480 -6.38 20.28 -0.58
N LEU A 481 -6.50 20.02 0.72
CA LEU A 481 -7.76 19.58 1.31
C LEU A 481 -8.27 20.61 2.30
N CYS A 482 -9.55 20.96 2.17
CA CYS A 482 -10.17 21.94 3.06
C CYS A 482 -11.29 21.29 3.86
N LEU A 483 -11.34 21.55 5.16
CA LEU A 483 -12.35 20.98 6.04
C LEU A 483 -12.91 22.01 7.02
N PRO A 484 -14.19 21.86 7.38
CA PRO A 484 -14.83 22.78 8.32
C PRO A 484 -14.49 22.41 9.76
N VAL A 485 -14.41 23.40 10.63
CA VAL A 485 -14.11 23.20 12.04
C VAL A 485 -15.41 23.20 12.84
N VAL A 486 -15.55 22.30 13.81
CA VAL A 486 -16.76 22.25 14.62
C VAL A 486 -16.44 22.25 16.09
N SER A 487 -17.43 22.60 16.92
CA SER A 487 -17.21 22.67 18.35
C SER A 487 -18.06 21.72 19.19
N SER A 488 -18.90 20.91 18.56
CA SER A 488 -19.72 19.97 19.31
C SER A 488 -19.34 18.53 18.99
N LEU A 489 -19.49 17.66 19.98
CA LEU A 489 -19.21 16.24 19.81
C LEU A 489 -20.07 15.66 18.69
N ALA A 490 -21.35 15.99 18.73
CA ALA A 490 -22.29 15.52 17.72
C ALA A 490 -21.71 15.74 16.33
N ASP A 491 -21.29 16.97 16.05
CA ASP A 491 -20.73 17.31 14.74
C ASP A 491 -19.49 16.48 14.39
N VAL A 492 -18.64 16.20 15.37
CA VAL A 492 -17.44 15.42 15.12
C VAL A 492 -17.84 14.02 14.65
N TYR A 493 -18.84 13.44 15.30
CA TYR A 493 -19.29 12.10 14.91
C TYR A 493 -20.00 12.14 13.57
N ALA A 494 -20.61 13.28 13.27
CA ALA A 494 -21.32 13.45 12.00
C ALA A 494 -20.36 13.39 10.80
N GLY A 495 -19.14 13.85 10.99
CA GLY A 495 -18.19 13.87 9.89
C GLY A 495 -17.11 12.82 9.86
N VAL A 496 -17.20 11.82 10.74
CA VAL A 496 -16.18 10.78 10.74
C VAL A 496 -16.20 9.92 9.48
N ASP A 497 -15.01 9.53 9.02
CA ASP A 497 -14.83 8.68 7.85
C ASP A 497 -14.36 7.36 8.48
N VAL A 498 -15.28 6.42 8.63
CA VAL A 498 -14.97 5.15 9.28
C VAL A 498 -13.85 4.33 8.66
N GLN A 499 -13.80 4.23 7.33
CA GLN A 499 -12.73 3.44 6.72
C GLN A 499 -11.37 4.10 6.93
N ALA A 500 -11.33 5.43 6.86
CA ALA A 500 -10.08 6.15 7.08
C ALA A 500 -9.65 5.92 8.53
N ALA A 501 -10.58 6.01 9.47
CA ALA A 501 -10.25 5.78 10.88
C ALA A 501 -9.71 4.36 11.07
N ILE A 502 -10.34 3.39 10.43
CA ILE A 502 -9.90 1.99 10.53
C ILE A 502 -8.47 1.80 9.99
N CYS A 503 -8.18 2.39 8.84
CA CYS A 503 -6.84 2.25 8.26
C CYS A 503 -5.78 2.91 9.13
N LEU A 504 -6.10 4.06 9.70
CA LEU A 504 -5.16 4.75 10.58
C LEU A 504 -4.92 3.92 11.83
N LEU A 505 -5.99 3.37 12.39
CA LEU A 505 -5.88 2.51 13.59
C LEU A 505 -5.06 1.25 13.29
N ALA A 506 -5.16 0.76 12.07
CA ALA A 506 -4.40 -0.42 11.69
C ALA A 506 -2.90 -0.11 11.77
N ASN A 507 -2.52 1.06 11.27
CA ASN A 507 -1.12 1.51 11.30
C ASN A 507 -0.66 1.72 12.75
N MET A 508 -1.54 2.29 13.57
CA MET A 508 -1.22 2.54 14.97
C MET A 508 -1.04 1.22 15.71
N ALA A 509 -1.82 0.22 15.31
CA ALA A 509 -1.76 -1.10 15.92
C ALA A 509 -0.45 -1.81 15.56
N VAL A 510 0.04 -1.58 14.34
CA VAL A 510 1.31 -2.18 13.94
C VAL A 510 2.39 -1.62 14.87
N ASP A 511 2.41 -0.30 15.06
CA ASP A 511 3.42 0.31 15.93
C ASP A 511 3.32 -0.20 17.35
N ARG A 512 2.09 -0.32 17.86
CA ARG A 512 1.87 -0.79 19.22
C ARG A 512 2.29 -2.25 19.41
N SER A 513 2.01 -3.10 18.42
CA SER A 513 2.38 -4.51 18.51
C SER A 513 3.89 -4.66 18.61
N VAL A 514 4.61 -3.88 17.81
CA VAL A 514 6.06 -3.93 17.79
C VAL A 514 6.74 -3.31 19.01
N SER A 515 6.28 -2.13 19.40
CA SER A 515 6.89 -1.43 20.54
C SER A 515 6.41 -1.86 21.92
N SER A 516 5.23 -2.45 22.00
CA SER A 516 4.70 -2.88 23.29
C SER A 516 4.41 -4.38 23.29
N SER A 517 3.34 -4.77 22.62
CA SER A 517 2.98 -6.18 22.53
C SER A 517 1.72 -6.31 21.68
N LEU A 518 1.51 -7.49 21.11
CA LEU A 518 0.33 -7.74 20.28
C LEU A 518 -0.90 -7.61 21.18
N SER A 519 -0.78 -8.09 22.42
CA SER A 519 -1.89 -8.00 23.35
C SER A 519 -2.32 -6.52 23.51
N ASP A 520 -1.37 -5.63 23.77
CA ASP A 520 -1.68 -4.22 23.94
C ASP A 520 -2.29 -3.60 22.68
N ALA A 521 -1.78 -3.99 21.51
CA ALA A 521 -2.29 -3.46 20.24
C ALA A 521 -3.74 -3.89 20.07
N ARG A 522 -4.02 -5.17 20.35
CA ARG A 522 -5.36 -5.69 20.22
C ARG A 522 -6.29 -5.01 21.21
N ASP A 523 -5.85 -4.86 22.46
CA ASP A 523 -6.66 -4.20 23.48
C ASP A 523 -6.98 -2.75 23.09
N ALA A 524 -6.00 -2.05 22.53
CA ALA A 524 -6.22 -0.66 22.13
C ALA A 524 -7.25 -0.57 21.01
N LEU A 525 -7.26 -1.56 20.13
CA LEU A 525 -8.23 -1.56 19.02
C LEU A 525 -9.64 -1.70 19.60
N VAL A 526 -9.81 -2.63 20.54
CA VAL A 526 -11.12 -2.82 21.17
C VAL A 526 -11.48 -1.55 21.94
N ASN A 527 -10.51 -0.97 22.63
CA ASN A 527 -10.76 0.24 23.40
C ASN A 527 -11.21 1.42 22.54
N ALA A 528 -10.77 1.46 21.29
CA ALA A 528 -11.19 2.54 20.42
C ALA A 528 -12.71 2.45 20.20
N VAL A 529 -13.21 1.23 20.06
CA VAL A 529 -14.64 1.02 19.86
C VAL A 529 -15.40 1.34 21.15
N VAL A 530 -14.90 0.80 22.27
CA VAL A 530 -15.52 1.04 23.57
C VAL A 530 -15.58 2.53 23.88
N ASP A 531 -14.43 3.20 23.73
CA ASP A 531 -14.34 4.63 24.03
C ASP A 531 -15.17 5.54 23.13
N SER A 532 -15.11 5.31 21.82
CA SER A 532 -15.86 6.15 20.89
C SER A 532 -17.36 6.01 21.07
N LEU A 533 -17.84 4.78 21.22
CA LEU A 533 -19.27 4.57 21.38
C LEU A 533 -19.75 4.99 22.77
N SER A 534 -18.84 4.98 23.75
CA SER A 534 -19.20 5.41 25.09
C SER A 534 -19.33 6.93 25.03
N ALA A 535 -18.37 7.58 24.37
CA ALA A 535 -18.39 9.03 24.23
C ALA A 535 -19.63 9.45 23.45
N TYR A 536 -19.93 8.71 22.39
CA TYR A 536 -21.10 9.00 21.57
C TYR A 536 -22.37 8.93 22.43
N GLY A 537 -22.46 7.88 23.23
CA GLY A 537 -23.62 7.70 24.09
C GLY A 537 -23.86 8.89 25.01
N SER A 538 -22.78 9.53 25.45
CA SER A 538 -22.88 10.66 26.35
C SER A 538 -23.51 11.89 25.66
N THR A 539 -23.56 11.88 24.34
CA THR A 539 -24.16 13.00 23.60
C THR A 539 -25.65 12.77 23.35
N VAL A 540 -26.11 11.55 23.58
CA VAL A 540 -27.51 11.21 23.36
C VAL A 540 -28.16 10.70 24.64
N SER A 546 -29.17 -1.48 27.46
CA SER A 546 -29.75 -2.69 26.90
C SER A 546 -29.40 -2.85 25.43
N ALA A 547 -28.98 -1.75 24.79
CA ALA A 547 -28.62 -1.80 23.37
C ALA A 547 -27.40 -0.94 23.07
N LEU A 548 -26.54 -1.46 22.19
CA LEU A 548 -25.34 -0.76 21.78
C LEU A 548 -25.72 0.15 20.63
N MET A 549 -25.77 1.45 20.91
CA MET A 549 -26.15 2.44 19.91
C MET A 549 -24.94 3.09 19.27
N ALA A 550 -25.08 3.40 17.98
CA ALA A 550 -24.01 4.06 17.26
C ALA A 550 -24.61 4.96 16.18
N PRO A 551 -23.96 6.10 15.89
CA PRO A 551 -24.51 6.96 14.85
C PRO A 551 -24.21 6.25 13.53
N SER A 552 -25.03 6.52 12.51
CA SER A 552 -24.85 5.90 11.20
C SER A 552 -23.40 5.94 10.72
N SER A 553 -22.73 7.07 10.92
CA SER A 553 -21.34 7.24 10.49
C SER A 553 -20.39 6.17 11.05
N LEU A 554 -20.74 5.63 12.21
CA LEU A 554 -19.90 4.62 12.87
C LEU A 554 -20.54 3.24 12.96
N LYS A 555 -21.64 3.01 12.24
CA LYS A 555 -22.31 1.73 12.32
C LYS A 555 -21.45 0.53 11.92
N LEU A 556 -20.44 0.78 11.11
CA LEU A 556 -19.56 -0.29 10.66
C LEU A 556 -18.26 -0.34 11.46
N PHE A 557 -18.10 0.58 12.42
CA PHE A 557 -16.88 0.64 13.22
C PHE A 557 -16.62 -0.66 13.99
N PRO A 558 -17.61 -1.16 14.76
CA PRO A 558 -17.35 -2.41 15.49
C PRO A 558 -17.00 -3.56 14.56
N LEU A 559 -17.77 -3.69 13.48
CA LEU A 559 -17.53 -4.74 12.51
C LEU A 559 -16.12 -4.69 11.94
N TYR A 560 -15.69 -3.49 11.54
CA TYR A 560 -14.36 -3.33 10.98
C TYR A 560 -13.26 -3.64 11.97
N VAL A 561 -13.45 -3.28 13.23
CA VAL A 561 -12.44 -3.55 14.23
C VAL A 561 -12.35 -5.06 14.47
N LEU A 562 -13.49 -5.74 14.46
CA LEU A 562 -13.49 -7.19 14.65
C LEU A 562 -12.72 -7.83 13.49
N ALA A 563 -12.97 -7.32 12.29
CA ALA A 563 -12.30 -7.83 11.09
C ALA A 563 -10.78 -7.62 11.21
N LEU A 564 -10.39 -6.44 11.71
CA LEU A 564 -8.98 -6.12 11.86
C LEU A 564 -8.32 -7.03 12.88
N LEU A 565 -9.02 -7.31 13.97
CA LEU A 565 -8.51 -8.19 15.02
C LEU A 565 -8.30 -9.61 14.54
N LYS A 566 -8.98 -9.98 13.46
CA LYS A 566 -8.86 -11.33 12.92
C LYS A 566 -7.98 -11.40 11.68
N GLN A 567 -7.49 -10.24 11.26
CA GLN A 567 -6.62 -10.14 10.09
C GLN A 567 -5.26 -10.77 10.46
N LYS A 568 -4.57 -11.30 9.45
CA LYS A 568 -3.29 -11.96 9.66
C LYS A 568 -2.32 -11.18 10.54
N ALA A 569 -2.31 -9.86 10.41
CA ALA A 569 -1.39 -9.03 11.18
C ALA A 569 -1.57 -9.12 12.69
N PHE A 570 -2.81 -9.14 13.15
CA PHE A 570 -3.10 -9.13 14.57
C PHE A 570 -3.83 -10.32 15.18
N ARG A 571 -4.22 -11.29 14.35
CA ARG A 571 -4.96 -12.45 14.87
C ARG A 571 -4.15 -13.31 15.83
N THR A 572 -4.84 -13.95 16.77
CA THR A 572 -4.18 -14.83 17.73
C THR A 572 -4.82 -16.20 17.82
N GLY A 573 -6.01 -16.35 17.24
CA GLY A 573 -6.69 -17.62 17.30
C GLY A 573 -6.13 -18.78 16.48
N THR A 574 -5.66 -18.49 15.27
CA THR A 574 -5.13 -19.52 14.40
C THR A 574 -3.65 -19.35 14.07
N SER A 575 -2.98 -20.45 13.76
CA SER A 575 -1.56 -20.44 13.43
C SER A 575 -1.22 -19.38 12.37
N THR A 576 -0.15 -18.63 12.63
CA THR A 576 0.28 -17.60 11.69
C THR A 576 1.80 -17.61 11.64
N ARG A 577 2.35 -17.88 10.45
CA ARG A 577 3.80 -17.90 10.31
C ARG A 577 4.33 -16.47 10.46
N LEU A 578 5.47 -16.33 11.10
CA LEU A 578 6.06 -15.03 11.37
C LEU A 578 6.27 -14.13 10.15
N ASP A 579 6.91 -14.64 9.11
CA ASP A 579 7.12 -13.82 7.91
C ASP A 579 5.77 -13.41 7.34
N ASP A 580 4.78 -14.28 7.51
CA ASP A 580 3.45 -13.99 6.99
C ASP A 580 2.80 -12.82 7.74
N ARG A 581 2.90 -12.85 9.07
CA ARG A 581 2.34 -11.79 9.90
C ARG A 581 3.04 -10.46 9.60
N VAL A 582 4.35 -10.51 9.48
CA VAL A 582 5.13 -9.31 9.18
C VAL A 582 4.71 -8.72 7.84
N TYR A 583 4.51 -9.57 6.84
CA TYR A 583 4.10 -9.04 5.53
C TYR A 583 2.74 -8.36 5.62
N ALA A 584 1.83 -8.90 6.43
CA ALA A 584 0.52 -8.28 6.60
C ALA A 584 0.71 -6.88 7.19
N MET A 585 1.64 -6.75 8.12
CA MET A 585 1.91 -5.45 8.73
C MET A 585 2.54 -4.49 7.71
N CYS A 586 3.42 -5.02 6.86
CA CYS A 586 4.06 -4.21 5.83
C CYS A 586 3.00 -3.67 4.88
N GLN A 587 2.00 -4.51 4.56
CA GLN A 587 0.92 -4.11 3.66
C GLN A 587 0.07 -2.99 4.27
N ILE A 588 -0.18 -3.08 5.57
CA ILE A 588 -0.96 -2.04 6.26
C ILE A 588 -0.24 -0.70 6.13
N LYS A 589 1.09 -0.75 6.26
CA LYS A 589 1.90 0.45 6.21
C LYS A 589 2.04 1.12 4.84
N SER A 590 1.75 0.40 3.76
CA SER A 590 1.92 1.00 2.45
C SER A 590 0.79 0.90 1.44
N GLN A 591 -0.29 0.21 1.78
CA GLN A 591 -1.42 0.07 0.86
C GLN A 591 -2.42 1.23 0.99
N PRO A 592 -2.80 1.85 -0.14
CA PRO A 592 -3.76 2.95 -0.10
C PRO A 592 -5.07 2.41 0.48
N LEU A 593 -5.89 3.28 1.05
CA LEU A 593 -7.15 2.86 1.66
C LEU A 593 -8.04 1.96 0.81
N VAL A 594 -8.25 2.31 -0.45
CA VAL A 594 -9.13 1.51 -1.29
C VAL A 594 -8.68 0.05 -1.38
N HIS A 595 -7.38 -0.19 -1.36
CA HIS A 595 -6.87 -1.55 -1.46
C HIS A 595 -6.74 -2.22 -0.10
N LEU A 596 -6.36 -1.43 0.91
CA LEU A 596 -6.20 -1.95 2.26
C LEU A 596 -7.52 -2.45 2.87
N MET A 597 -8.62 -1.72 2.63
CA MET A 597 -9.91 -2.12 3.18
C MET A 597 -10.35 -3.52 2.75
N LYS A 598 -9.95 -3.95 1.56
CA LYS A 598 -10.32 -5.28 1.08
C LYS A 598 -9.54 -6.36 1.82
N MET A 599 -8.34 -6.01 2.29
CA MET A 599 -7.53 -6.97 3.04
C MET A 599 -8.06 -7.05 4.47
N ILE A 600 -8.54 -5.91 4.97
CA ILE A 600 -9.07 -5.85 6.33
C ILE A 600 -10.45 -6.49 6.42
N HIS A 601 -11.33 -6.14 5.48
CA HIS A 601 -12.67 -6.67 5.43
C HIS A 601 -12.99 -7.07 3.99
N PRO A 602 -12.66 -8.31 3.61
CA PRO A 602 -12.89 -8.85 2.27
C PRO A 602 -14.30 -8.65 1.72
N ASN A 603 -14.39 -8.47 0.40
CA ASN A 603 -15.66 -8.29 -0.27
C ASN A 603 -16.14 -9.66 -0.76
N LEU A 604 -17.30 -10.07 -0.27
CA LEU A 604 -17.87 -11.37 -0.61
C LEU A 604 -19.06 -11.25 -1.57
N TYR A 605 -19.06 -12.06 -2.63
CA TYR A 605 -20.12 -12.02 -3.63
C TYR A 605 -20.62 -13.42 -4.02
N ARG A 606 -21.91 -13.54 -4.30
CA ARG A 606 -22.44 -14.81 -4.77
C ARG A 606 -22.31 -14.69 -6.27
N ILE A 607 -21.68 -15.68 -6.91
CA ILE A 607 -21.47 -15.61 -8.35
C ILE A 607 -22.04 -16.71 -9.22
N ASP A 608 -22.87 -17.58 -8.68
CA ASP A 608 -23.44 -18.63 -9.50
C ASP A 608 -24.71 -18.16 -10.21
N ARG A 609 -25.15 -16.95 -9.88
CA ARG A 609 -26.35 -16.37 -10.48
C ARG A 609 -26.17 -14.91 -10.90
N LEU A 610 -25.09 -14.62 -11.62
CA LEU A 610 -24.82 -13.26 -12.06
C LEU A 610 -25.81 -12.84 -13.15
N THR A 611 -26.21 -11.57 -13.15
CA THR A 611 -27.16 -11.06 -14.14
C THR A 611 -26.76 -9.70 -14.72
N ASP A 612 -27.56 -9.21 -15.66
CA ASP A 612 -27.34 -7.92 -16.32
C ASP A 612 -27.81 -6.79 -15.43
N GLU A 613 -29.04 -6.90 -14.95
CA GLU A 613 -29.62 -5.88 -14.09
C GLU A 613 -28.65 -5.44 -13.01
N GLY A 614 -28.32 -4.15 -13.03
CA GLY A 614 -27.40 -3.61 -12.05
C GLY A 614 -26.00 -3.48 -12.63
N ALA A 615 -25.69 -4.34 -13.59
CA ALA A 615 -24.39 -4.33 -14.23
C ALA A 615 -24.03 -2.97 -14.81
N VAL A 616 -22.74 -2.74 -14.99
CA VAL A 616 -22.27 -1.49 -15.54
C VAL A 616 -21.48 -1.76 -16.81
N HIS A 617 -21.26 -0.72 -17.60
CA HIS A 617 -20.52 -0.87 -18.83
C HIS A 617 -19.19 -0.13 -18.73
N VAL A 618 -18.11 -0.88 -18.84
CA VAL A 618 -16.77 -0.31 -18.76
C VAL A 618 -15.85 -1.09 -19.69
N ASN A 619 -14.87 -0.42 -20.27
CA ASN A 619 -13.94 -1.04 -21.19
C ASN A 619 -14.72 -1.68 -22.34
N ASP A 620 -15.91 -1.12 -22.59
CA ASP A 620 -16.79 -1.59 -23.65
C ASP A 620 -17.34 -3.00 -23.48
N ARG A 621 -17.66 -3.37 -22.25
CA ARG A 621 -18.25 -4.67 -21.99
C ARG A 621 -19.17 -4.58 -20.79
N ILE A 622 -20.10 -5.52 -20.69
CA ILE A 622 -21.05 -5.54 -19.59
C ILE A 622 -20.41 -6.24 -18.39
N VAL A 623 -20.35 -5.53 -17.27
CA VAL A 623 -19.75 -6.07 -16.06
C VAL A 623 -20.78 -6.25 -14.96
N PRO A 624 -21.05 -7.50 -14.55
CA PRO A 624 -22.01 -7.78 -13.50
C PRO A 624 -21.64 -7.00 -12.24
N GLN A 625 -22.65 -6.66 -11.44
CA GLN A 625 -22.41 -5.93 -10.20
C GLN A 625 -23.18 -6.58 -9.06
N PRO A 626 -22.78 -7.81 -8.68
CA PRO A 626 -23.46 -8.51 -7.59
C PRO A 626 -23.30 -7.74 -6.28
N PRO A 627 -24.31 -7.83 -5.39
CA PRO A 627 -24.27 -7.12 -4.10
C PRO A 627 -23.32 -7.75 -3.08
N LEU A 628 -22.68 -6.90 -2.29
CA LEU A 628 -21.75 -7.35 -1.25
C LEU A 628 -22.51 -8.12 -0.17
N GLN A 629 -21.91 -9.19 0.33
CA GLN A 629 -22.49 -10.05 1.36
C GLN A 629 -21.65 -9.97 2.64
N LYS A 630 -22.30 -9.96 3.80
CA LYS A 630 -21.58 -9.90 5.08
C LYS A 630 -20.71 -11.16 5.21
N LEU A 631 -19.62 -11.05 5.96
CA LEU A 631 -18.69 -12.16 6.11
C LEU A 631 -19.09 -13.20 7.15
N SER A 632 -20.12 -13.99 6.82
CA SER A 632 -20.60 -15.03 7.71
C SER A 632 -21.08 -16.22 6.88
N ALA A 633 -20.82 -17.41 7.39
CA ALA A 633 -21.22 -18.63 6.71
C ALA A 633 -22.73 -18.66 6.48
N GLU A 634 -23.46 -17.89 7.27
CA GLU A 634 -24.92 -17.82 7.13
C GLU A 634 -25.29 -17.36 5.73
N LYS A 635 -24.39 -16.62 5.10
CA LYS A 635 -24.64 -16.11 3.75
C LYS A 635 -24.28 -17.12 2.66
N LEU A 636 -23.56 -18.17 3.03
CA LEU A 636 -23.13 -19.18 2.06
C LEU A 636 -24.15 -20.26 1.73
N THR A 637 -24.99 -20.00 0.72
CA THR A 637 -25.98 -20.98 0.30
C THR A 637 -25.24 -22.22 -0.20
N ARG A 638 -25.54 -23.37 0.39
CA ARG A 638 -24.87 -24.61 0.00
C ARG A 638 -25.13 -24.95 -1.47
N GLU A 639 -26.09 -24.26 -2.08
CA GLU A 639 -26.44 -24.50 -3.47
C GLU A 639 -25.82 -23.46 -4.40
N GLY A 640 -24.93 -22.62 -3.86
CA GLY A 640 -24.33 -21.59 -4.68
C GLY A 640 -22.81 -21.59 -4.74
N ALA A 641 -22.28 -20.56 -5.39
CA ALA A 641 -20.85 -20.36 -5.53
C ALA A 641 -20.60 -18.91 -5.13
N PHE A 642 -19.54 -18.68 -4.35
CA PHE A 642 -19.24 -17.34 -3.89
C PHE A 642 -17.79 -16.94 -4.14
N LEU A 643 -17.59 -15.66 -4.41
CA LEU A 643 -16.25 -15.14 -4.65
C LEU A 643 -15.89 -14.17 -3.54
N MET A 644 -14.76 -14.40 -2.89
CA MET A 644 -14.31 -13.50 -1.84
C MET A 644 -13.06 -12.80 -2.33
N ASP A 645 -13.12 -11.47 -2.33
CA ASP A 645 -12.03 -10.62 -2.76
C ASP A 645 -11.31 -10.13 -1.51
N CYS A 646 -10.15 -10.71 -1.22
CA CYS A 646 -9.39 -10.33 -0.04
C CYS A 646 -8.30 -9.31 -0.37
N GLY A 647 -8.47 -8.63 -1.50
CA GLY A 647 -7.50 -7.62 -1.91
C GLY A 647 -6.29 -8.17 -2.64
N SER A 648 -5.50 -8.99 -1.96
CA SER A 648 -4.30 -9.56 -2.54
C SER A 648 -4.51 -10.96 -3.09
N VAL A 649 -5.69 -11.54 -2.82
CA VAL A 649 -5.99 -12.89 -3.28
C VAL A 649 -7.51 -13.07 -3.46
N PHE A 650 -7.89 -13.93 -4.41
CA PHE A 650 -9.31 -14.22 -4.66
C PHE A 650 -9.62 -15.67 -4.29
N TYR A 651 -10.82 -15.89 -3.77
CA TYR A 651 -11.26 -17.24 -3.41
C TYR A 651 -12.66 -17.47 -3.99
N ILE A 652 -12.87 -18.64 -4.56
CA ILE A 652 -14.19 -19.00 -5.06
C ILE A 652 -14.59 -20.27 -4.34
N TRP A 653 -15.56 -20.13 -3.45
CA TRP A 653 -16.07 -21.26 -2.67
C TRP A 653 -17.19 -21.95 -3.45
N VAL A 654 -17.09 -23.26 -3.58
CA VAL A 654 -18.10 -24.02 -4.30
C VAL A 654 -18.82 -24.97 -3.34
N GLY A 655 -20.10 -24.73 -3.12
CA GLY A 655 -20.87 -25.57 -2.22
C GLY A 655 -21.08 -26.97 -2.74
N LYS A 656 -21.11 -27.93 -1.83
CA LYS A 656 -21.31 -29.34 -2.19
C LYS A 656 -22.52 -29.48 -3.11
N GLY A 657 -23.58 -28.74 -2.81
CA GLY A 657 -24.79 -28.81 -3.63
C GLY A 657 -24.90 -27.71 -4.65
N CYS A 658 -23.78 -27.16 -5.08
CA CYS A 658 -23.79 -26.08 -6.06
C CYS A 658 -24.36 -26.57 -7.39
N ASP A 659 -25.20 -25.74 -8.00
CA ASP A 659 -25.82 -26.05 -9.28
C ASP A 659 -24.79 -26.54 -10.31
N ASN A 660 -25.05 -27.70 -10.91
CA ASN A 660 -24.14 -28.25 -11.90
C ASN A 660 -23.98 -27.39 -13.14
N ASN A 661 -24.94 -26.52 -13.39
CA ASN A 661 -24.86 -25.64 -14.56
C ASN A 661 -23.65 -24.72 -14.36
N PHE A 662 -23.43 -24.30 -13.11
CA PHE A 662 -22.32 -23.43 -12.79
C PHE A 662 -21.00 -24.20 -12.91
N ILE A 663 -20.97 -25.38 -12.28
CA ILE A 663 -19.78 -26.22 -12.30
C ILE A 663 -19.40 -26.57 -13.73
N GLU A 664 -20.39 -26.81 -14.56
CA GLU A 664 -20.15 -27.20 -15.95
C GLU A 664 -19.86 -26.01 -16.87
N ASP A 665 -20.67 -24.96 -16.79
CA ASP A 665 -20.49 -23.79 -17.66
C ASP A 665 -19.46 -22.77 -17.22
N VAL A 666 -19.04 -22.82 -15.96
CA VAL A 666 -18.04 -21.87 -15.47
C VAL A 666 -16.74 -22.54 -15.07
N LEU A 667 -16.83 -23.63 -14.30
CA LEU A 667 -15.63 -24.35 -13.86
C LEU A 667 -15.11 -25.28 -14.94
N GLY A 668 -16.02 -25.82 -15.74
CA GLY A 668 -15.64 -26.71 -16.82
C GLY A 668 -15.59 -28.18 -16.43
N TYR A 669 -16.44 -28.58 -15.49
CA TYR A 669 -16.48 -29.97 -15.04
C TYR A 669 -17.90 -30.51 -14.98
N THR A 670 -18.03 -31.82 -15.12
CA THR A 670 -19.33 -32.49 -15.10
C THR A 670 -20.09 -32.33 -13.79
N ASN A 671 -19.40 -32.53 -12.68
CA ASN A 671 -20.03 -32.41 -11.37
C ASN A 671 -19.05 -32.01 -10.26
N PHE A 672 -19.60 -31.74 -9.08
CA PHE A 672 -18.80 -31.32 -7.93
C PHE A 672 -17.60 -32.22 -7.69
N ALA A 673 -17.84 -33.53 -7.71
CA ALA A 673 -16.80 -34.51 -7.48
C ALA A 673 -15.63 -34.43 -8.47
N SER A 674 -15.93 -34.08 -9.71
CA SER A 674 -14.90 -33.98 -10.74
C SER A 674 -14.06 -32.72 -10.62
N ILE A 675 -14.52 -31.76 -9.83
CA ILE A 675 -13.78 -30.52 -9.63
C ILE A 675 -12.46 -30.85 -8.95
N PRO A 676 -11.34 -30.50 -9.59
CA PRO A 676 -10.02 -30.77 -9.01
C PRO A 676 -9.67 -29.84 -7.85
N GLN A 677 -8.67 -30.23 -7.08
CA GLN A 677 -8.22 -29.41 -5.96
C GLN A 677 -6.99 -28.66 -6.46
N LYS A 678 -6.67 -27.54 -5.81
CA LYS A 678 -5.53 -26.74 -6.23
C LYS A 678 -5.79 -26.08 -7.59
N MET A 679 -7.06 -25.77 -7.84
CA MET A 679 -7.44 -25.12 -9.10
C MET A 679 -7.18 -23.63 -8.90
N THR A 680 -6.43 -23.01 -9.81
CA THR A 680 -6.10 -21.60 -9.69
C THR A 680 -6.45 -20.78 -10.92
N HIS A 681 -7.25 -21.34 -11.82
CA HIS A 681 -7.63 -20.63 -13.04
C HIS A 681 -9.06 -20.96 -13.45
N LEU A 682 -9.75 -19.98 -14.04
CA LEU A 682 -11.09 -20.19 -14.53
C LEU A 682 -10.99 -20.39 -16.03
N PRO A 683 -11.49 -21.53 -16.53
CA PRO A 683 -11.42 -21.79 -17.97
C PRO A 683 -12.08 -20.69 -18.79
N GLU A 684 -11.56 -20.47 -19.98
CA GLU A 684 -12.07 -19.47 -20.90
C GLU A 684 -13.15 -20.15 -21.75
N LEU A 685 -14.20 -20.60 -21.08
CA LEU A 685 -15.31 -21.29 -21.73
C LEU A 685 -16.23 -20.38 -22.52
N ASP A 686 -16.70 -20.89 -23.65
CA ASP A 686 -17.59 -20.15 -24.52
C ASP A 686 -19.05 -20.29 -24.08
N THR A 687 -19.32 -19.80 -22.87
CA THR A 687 -20.68 -19.84 -22.30
C THR A 687 -20.99 -18.47 -21.74
N LEU A 688 -22.27 -18.14 -21.62
CA LEU A 688 -22.68 -16.84 -21.11
C LEU A 688 -22.31 -16.62 -19.64
N SER A 689 -22.47 -17.66 -18.83
CA SER A 689 -22.15 -17.56 -17.41
C SER A 689 -20.64 -17.44 -17.21
N SER A 690 -19.85 -18.15 -18.01
CA SER A 690 -18.40 -18.08 -17.90
C SER A 690 -17.94 -16.68 -18.31
N GLU A 691 -18.63 -16.13 -19.30
CA GLU A 691 -18.32 -14.79 -19.80
C GLU A 691 -18.63 -13.75 -18.74
N ARG A 692 -19.71 -13.96 -17.99
CA ARG A 692 -20.10 -13.02 -16.93
C ARG A 692 -19.11 -13.09 -15.78
N ALA A 693 -18.82 -14.31 -15.34
CA ALA A 693 -17.89 -14.52 -14.24
C ALA A 693 -16.54 -13.91 -14.55
N ARG A 694 -15.99 -14.26 -15.71
CA ARG A 694 -14.69 -13.73 -16.11
C ARG A 694 -14.73 -12.21 -16.27
N SER A 695 -15.82 -11.68 -16.80
CA SER A 695 -15.92 -10.24 -16.95
C SER A 695 -15.86 -9.57 -15.59
N PHE A 696 -16.59 -10.14 -14.63
CA PHE A 696 -16.63 -9.62 -13.28
C PHE A 696 -15.23 -9.65 -12.65
N ILE A 697 -14.59 -10.80 -12.71
CA ILE A 697 -13.26 -10.96 -12.16
C ILE A 697 -12.22 -10.07 -12.82
N THR A 698 -12.37 -9.84 -14.12
CA THR A 698 -11.44 -8.99 -14.85
C THR A 698 -11.61 -7.56 -14.35
N TRP A 699 -12.84 -7.20 -14.02
CA TRP A 699 -13.14 -5.86 -13.52
C TRP A 699 -12.47 -5.69 -12.15
N LEU A 700 -12.52 -6.74 -11.34
CA LEU A 700 -11.90 -6.69 -10.01
C LEU A 700 -10.39 -6.51 -10.13
N ARG A 701 -9.78 -7.27 -11.04
CA ARG A 701 -8.34 -7.20 -11.26
C ARG A 701 -7.87 -5.86 -11.79
N ASP A 702 -8.67 -5.26 -12.67
CA ASP A 702 -8.31 -3.97 -13.26
C ASP A 702 -8.43 -2.78 -12.31
N SER A 703 -9.05 -2.99 -11.16
CA SER A 703 -9.22 -1.90 -10.20
C SER A 703 -8.00 -1.75 -9.28
N ARG A 704 -7.01 -2.62 -9.43
CA ARG A 704 -5.83 -2.54 -8.59
C ARG A 704 -4.53 -2.82 -9.38
N PRO A 705 -3.38 -2.35 -8.87
CA PRO A 705 -2.09 -2.55 -9.54
C PRO A 705 -1.53 -3.97 -9.54
N LEU A 706 -1.70 -4.68 -8.42
CA LEU A 706 -1.19 -6.04 -8.31
C LEU A 706 -2.18 -7.09 -8.80
N SER A 707 -1.66 -8.29 -9.05
CA SER A 707 -2.47 -9.40 -9.56
C SER A 707 -2.77 -10.46 -8.50
N PRO A 708 -4.02 -10.51 -8.04
CA PRO A 708 -4.38 -11.51 -7.03
C PRO A 708 -4.44 -12.92 -7.60
N ILE A 709 -3.96 -13.89 -6.84
CA ILE A 709 -4.04 -15.27 -7.29
C ILE A 709 -5.47 -15.73 -6.98
N LEU A 710 -6.05 -16.54 -7.86
CA LEU A 710 -7.40 -17.05 -7.65
C LEU A 710 -7.33 -18.49 -7.17
N HIS A 711 -8.08 -18.81 -6.13
CA HIS A 711 -8.13 -20.16 -5.59
C HIS A 711 -9.56 -20.65 -5.55
N ILE A 712 -9.82 -21.77 -6.23
CA ILE A 712 -11.16 -22.36 -6.22
C ILE A 712 -11.15 -23.36 -5.06
N VAL A 713 -12.02 -23.13 -4.09
CA VAL A 713 -12.11 -23.99 -2.91
C VAL A 713 -13.40 -24.80 -2.87
N LYS A 714 -13.26 -26.11 -2.66
CA LYS A 714 -14.40 -27.02 -2.57
C LYS A 714 -14.74 -27.23 -1.09
N ASP A 715 -15.96 -27.65 -0.78
CA ASP A 715 -16.31 -27.87 0.62
C ASP A 715 -15.42 -28.91 1.28
N GLU A 716 -15.07 -29.97 0.55
CA GLU A 716 -14.18 -30.99 1.11
C GLU A 716 -13.18 -30.16 1.91
N SER A 717 -12.82 -30.63 3.11
CA SER A 717 -11.95 -29.87 4.00
C SER A 717 -10.43 -30.07 4.00
N PRO A 718 -9.72 -29.31 3.15
CA PRO A 718 -8.27 -29.32 3.01
C PRO A 718 -7.83 -27.84 2.94
N ALA A 719 -8.37 -27.13 1.96
CA ALA A 719 -8.08 -25.71 1.76
C ALA A 719 -9.32 -24.88 2.11
N LYS A 720 -10.30 -25.52 2.73
CA LYS A 720 -11.55 -24.87 3.12
C LYS A 720 -11.31 -23.79 4.19
N ALA A 721 -10.44 -24.10 5.14
CA ALA A 721 -10.11 -23.16 6.22
C ALA A 721 -9.60 -21.82 5.70
N GLU A 722 -8.80 -21.85 4.64
CA GLU A 722 -8.25 -20.64 4.06
C GLU A 722 -9.37 -19.65 3.75
N PHE A 723 -10.54 -20.18 3.43
CA PHE A 723 -11.70 -19.36 3.09
C PHE A 723 -12.52 -18.99 4.33
N PHE A 724 -12.84 -19.98 5.16
CA PHE A 724 -13.63 -19.75 6.35
C PHE A 724 -12.96 -18.87 7.43
N GLN A 725 -11.65 -18.72 7.34
CA GLN A 725 -10.93 -17.88 8.30
C GLN A 725 -11.25 -16.42 8.03
N HIS A 726 -11.76 -16.13 6.83
CA HIS A 726 -12.11 -14.77 6.45
C HIS A 726 -13.54 -14.38 6.76
N LEU A 727 -14.36 -15.34 7.20
CA LEU A 727 -15.75 -15.06 7.55
C LEU A 727 -15.68 -14.56 8.99
N ILE A 728 -15.13 -13.36 9.13
CA ILE A 728 -14.89 -12.74 10.43
C ILE A 728 -16.06 -12.49 11.36
N GLU A 729 -17.29 -12.59 10.87
CA GLU A 729 -18.44 -12.37 11.75
C GLU A 729 -18.78 -13.63 12.54
N ASP A 730 -18.20 -14.77 12.17
CA ASP A 730 -18.48 -16.02 12.87
C ASP A 730 -17.46 -16.34 13.97
N ARG A 731 -17.88 -17.14 14.95
CA ARG A 731 -17.03 -17.53 16.07
C ARG A 731 -16.02 -18.58 15.64
N THR A 732 -14.83 -18.54 16.21
CA THR A 732 -13.80 -19.51 15.85
C THR A 732 -12.99 -19.81 17.11
N GLU A 733 -12.16 -20.83 17.01
CA GLU A 733 -11.30 -21.29 18.08
C GLU A 733 -11.28 -20.37 19.30
N ALA A 734 -10.52 -19.29 19.22
CA ALA A 734 -10.48 -18.37 20.34
C ALA A 734 -10.77 -16.95 19.89
N ALA A 735 -11.85 -16.77 19.14
CA ALA A 735 -12.25 -15.45 18.65
C ALA A 735 -13.76 -15.23 18.69
N PHE A 736 -14.19 -14.03 19.08
CA PHE A 736 -15.60 -13.69 19.16
C PHE A 736 -16.33 -13.65 17.82
N SER A 737 -17.63 -13.94 17.87
CA SER A 737 -18.47 -13.84 16.69
C SER A 737 -18.83 -12.37 16.75
N TYR A 738 -19.46 -11.83 15.71
CA TYR A 738 -19.85 -10.44 15.71
C TYR A 738 -20.77 -10.17 16.89
N TYR A 739 -21.74 -11.06 17.10
CA TYR A 739 -22.70 -10.94 18.19
C TYR A 739 -22.00 -10.84 19.55
N GLU A 740 -21.09 -11.77 19.81
CA GLU A 740 -20.36 -11.80 21.07
C GLU A 740 -19.50 -10.56 21.25
N PHE A 741 -18.91 -10.09 20.15
CA PHE A 741 -18.06 -8.91 20.20
C PHE A 741 -18.86 -7.69 20.63
N LEU A 742 -20.07 -7.53 20.10
CA LEU A 742 -20.89 -6.38 20.47
C LEU A 742 -21.26 -6.46 21.94
N LEU A 743 -21.59 -7.67 22.41
CA LEU A 743 -21.95 -7.85 23.80
C LEU A 743 -20.76 -7.47 24.66
N HIS A 744 -19.58 -7.85 24.21
CA HIS A 744 -18.34 -7.54 24.93
C HIS A 744 -18.15 -6.02 24.99
N VAL A 745 -18.30 -5.35 23.86
CA VAL A 745 -18.15 -3.90 23.83
C VAL A 745 -19.15 -3.26 24.79
N GLN A 746 -20.39 -3.74 24.76
CA GLN A 746 -21.43 -3.22 25.67
C GLN A 746 -21.01 -3.32 27.14
N GLN A 747 -20.58 -4.51 27.54
CA GLN A 747 -20.16 -4.75 28.92
C GLN A 747 -19.09 -3.78 29.37
N GLN A 748 -18.10 -3.55 28.52
CA GLN A 748 -17.01 -2.64 28.84
C GLN A 748 -17.51 -1.22 29.02
N ILE A 749 -18.43 -0.80 28.16
CA ILE A 749 -18.98 0.55 28.24
C ILE A 749 -19.83 0.74 29.48
N CYS A 750 -20.59 -0.29 29.85
CA CYS A 750 -21.46 -0.21 31.00
C CYS A 750 -20.75 -0.23 32.35
N LYS A 751 -19.57 -0.84 32.40
CA LYS A 751 -18.81 -0.90 33.64
C LYS A 751 -18.61 0.48 34.23
ZN ZN B . 1.16 30.94 5.23
#